data_5DOW
#
_entry.id   5DOW
#
_cell.length_a   98.874
_cell.length_b   98.874
_cell.length_c   128.583
_cell.angle_alpha   90.00
_cell.angle_beta   90.00
_cell.angle_gamma   120.00
#
_symmetry.space_group_name_H-M   'P 32 1 2'
#
loop_
_entity.id
_entity.type
_entity.pdbx_description
1 polymer Calmodulin
2 polymer 'Chloride anion exchanger'
3 non-polymer 'SULFATE ION'
4 non-polymer 'CALCIUM ION'
5 non-polymer 'CHLORIDE ION'
6 non-polymer 'SODIUM ION'
7 water water
#
loop_
_entity_poly.entity_id
_entity_poly.type
_entity_poly.pdbx_seq_one_letter_code
_entity_poly.pdbx_strand_id
1 'polypeptide(L)'
;AYQLTEEQIAEFKEAFSLFDKDGDGTITTKELGTVMRSLGQNPTEAELQDMINEVDADGNGTIDFPEFLTMMARKMKDTD
SEEEIREAFRVFDKDGNGYISAAELRHVMTNLGEKLTDEEVDEMIREADIDGDGQVNYEEFVQMMTAK
;
A,C,E,G
2 'polypeptide(L)' KRNKALKKIRKLQKRGLIQMT(NH2) B,D,F,H
#
# COMPACT_ATOMS: atom_id res chain seq x y z
N ALA A 1 3.50 -20.71 18.96
CA ALA A 1 2.85 -20.74 20.29
C ALA A 1 3.83 -20.29 21.36
N TYR A 2 3.32 -19.54 22.34
CA TYR A 2 4.10 -19.09 23.48
C TYR A 2 3.85 -19.99 24.66
N GLN A 3 4.86 -20.12 25.52
CA GLN A 3 4.76 -20.99 26.67
C GLN A 3 4.88 -20.21 27.97
N LEU A 4 4.29 -20.73 29.03
CA LEU A 4 4.39 -20.13 30.35
C LEU A 4 5.59 -20.71 31.10
N THR A 5 6.78 -20.35 30.60
CA THR A 5 8.05 -20.67 31.24
C THR A 5 8.40 -19.54 32.20
N GLU A 6 9.34 -19.79 33.12
CA GLU A 6 9.78 -18.73 34.00
C GLU A 6 10.25 -17.51 33.21
N GLU A 7 11.08 -17.75 32.20
CA GLU A 7 11.65 -16.68 31.40
C GLU A 7 10.55 -15.88 30.70
N GLN A 8 9.58 -16.56 30.11
CA GLN A 8 8.49 -15.87 29.41
C GLN A 8 7.59 -15.10 30.36
N ILE A 9 7.32 -15.69 31.52
CA ILE A 9 6.51 -15.03 32.52
C ILE A 9 7.19 -13.73 32.96
N ALA A 10 8.52 -13.79 33.12
CA ALA A 10 9.30 -12.62 33.49
C ALA A 10 9.21 -11.53 32.41
N GLU A 11 9.26 -11.93 31.14
CA GLU A 11 9.11 -10.97 30.05
C GLU A 11 7.73 -10.28 30.09
N PHE A 12 6.68 -11.08 30.26
CA PHE A 12 5.34 -10.53 30.41
C PHE A 12 5.20 -9.62 31.62
N LYS A 13 5.86 -9.95 32.73
CA LYS A 13 5.85 -9.08 33.89
C LYS A 13 6.52 -7.73 33.58
N GLU A 14 7.63 -7.76 32.84
N GLU A 14 7.64 -7.74 32.85
CA GLU A 14 8.28 -6.51 32.41
CA GLU A 14 8.26 -6.47 32.42
C GLU A 14 7.31 -5.63 31.61
C GLU A 14 7.27 -5.61 31.64
N ALA A 15 6.58 -6.22 30.69
CA ALA A 15 5.58 -5.49 29.89
C ALA A 15 4.46 -4.93 30.78
N PHE A 16 3.95 -5.76 31.68
CA PHE A 16 2.88 -5.35 32.60
C PHE A 16 3.34 -4.16 33.45
N SER A 17 4.56 -4.25 33.96
CA SER A 17 5.14 -3.20 34.79
C SER A 17 5.32 -1.87 34.07
N LEU A 18 5.54 -1.92 32.75
CA LEU A 18 5.62 -0.71 31.97
C LEU A 18 4.34 0.10 32.10
N PHE A 19 3.20 -0.57 32.04
CA PHE A 19 1.91 0.07 32.25
C PHE A 19 1.59 0.33 33.72
N ASP A 20 1.80 -0.67 34.57
CA ASP A 20 1.43 -0.59 35.98
C ASP A 20 2.53 0.17 36.74
N LYS A 21 2.61 1.48 36.50
CA LYS A 21 3.69 2.29 37.04
C LYS A 21 3.58 2.50 38.55
N ASP A 22 2.39 2.37 39.14
CA ASP A 22 2.25 2.43 40.60
C ASP A 22 2.40 1.07 41.29
N GLY A 23 2.62 0.02 40.50
CA GLY A 23 2.88 -1.30 41.05
C GLY A 23 1.74 -1.89 41.84
N ASP A 24 0.51 -1.49 41.57
CA ASP A 24 -0.63 -2.00 42.36
C ASP A 24 -1.26 -3.27 41.81
N GLY A 25 -0.63 -3.85 40.79
CA GLY A 25 -1.10 -5.08 40.18
C GLY A 25 -2.26 -4.97 39.21
N THR A 26 -2.66 -3.74 38.88
CA THR A 26 -3.77 -3.50 37.98
C THR A 26 -3.36 -2.44 36.99
N ILE A 27 -3.89 -2.55 35.77
CA ILE A 27 -3.66 -1.54 34.75
C ILE A 27 -4.99 -0.83 34.55
N THR A 28 -4.96 0.49 34.75
CA THR A 28 -6.13 1.35 34.58
C THR A 28 -6.09 1.99 33.19
N THR A 29 -7.22 2.58 32.81
CA THR A 29 -7.29 3.34 31.55
C THR A 29 -6.29 4.49 31.58
N LYS A 30 -6.13 5.13 32.75
CA LYS A 30 -5.15 6.19 32.89
C LYS A 30 -3.74 5.70 32.53
N GLU A 31 -3.37 4.54 33.05
CA GLU A 31 -2.06 3.94 32.81
C GLU A 31 -1.88 3.54 31.34
N LEU A 32 -2.90 2.95 30.74
CA LEU A 32 -2.86 2.67 29.30
C LEU A 32 -2.63 3.95 28.51
N GLY A 33 -3.41 4.98 28.83
CA GLY A 33 -3.31 6.26 28.15
C GLY A 33 -1.95 6.92 28.26
N THR A 34 -1.35 6.91 29.46
CA THR A 34 -0.01 7.43 29.65
C THR A 34 1.01 6.78 28.70
N VAL A 35 0.97 5.45 28.59
CA VAL A 35 1.89 4.78 27.68
C VAL A 35 1.61 5.14 26.24
N MET A 36 0.36 5.08 25.80
CA MET A 36 0.02 5.40 24.40
C MET A 36 0.43 6.82 24.04
N ARG A 37 0.17 7.77 24.94
N ARG A 37 0.17 7.77 24.94
CA ARG A 37 0.55 9.16 24.73
CA ARG A 37 0.56 9.16 24.72
C ARG A 37 2.06 9.34 24.61
C ARG A 37 2.07 9.32 24.59
N SER A 38 2.83 8.52 25.33
CA SER A 38 4.28 8.52 25.20
C SER A 38 4.78 8.03 23.82
N LEU A 39 3.90 7.39 23.04
CA LEU A 39 4.20 6.88 21.72
C LEU A 39 3.58 7.76 20.62
N GLY A 40 3.11 8.95 20.99
CA GLY A 40 2.52 9.85 20.01
C GLY A 40 1.09 9.60 19.66
N GLN A 41 0.43 8.72 20.40
CA GLN A 41 -0.98 8.45 20.19
C GLN A 41 -1.82 9.26 21.19
N ASN A 42 -3.10 9.48 20.91
CA ASN A 42 -3.97 10.09 21.91
C ASN A 42 -5.34 9.43 21.84
N PRO A 43 -5.42 8.17 22.25
CA PRO A 43 -6.71 7.49 22.20
C PRO A 43 -7.74 8.11 23.11
N THR A 44 -8.99 7.95 22.74
CA THR A 44 -10.08 8.40 23.59
C THR A 44 -10.22 7.48 24.80
N GLU A 45 -10.89 7.97 25.82
CA GLU A 45 -11.29 7.12 26.95
C GLU A 45 -12.07 5.89 26.48
N ALA A 46 -12.93 6.07 25.49
CA ALA A 46 -13.73 4.97 24.93
C ALA A 46 -12.81 3.88 24.38
N GLU A 47 -11.79 4.31 23.61
CA GLU A 47 -10.83 3.35 23.05
C GLU A 47 -10.08 2.62 24.17
N LEU A 48 -9.64 3.35 25.18
CA LEU A 48 -8.95 2.73 26.31
C LEU A 48 -9.84 1.77 27.08
N GLN A 49 -11.08 2.18 27.35
CA GLN A 49 -12.03 1.34 28.06
C GLN A 49 -12.34 0.08 27.25
N ASP A 50 -12.43 0.21 25.91
CA ASP A 50 -12.70 -0.94 25.07
C ASP A 50 -11.58 -1.98 25.19
N MET A 51 -10.32 -1.53 25.27
N MET A 51 -10.31 -1.53 25.25
CA MET A 51 -9.22 -2.46 25.44
CA MET A 51 -9.18 -2.45 25.47
C MET A 51 -9.37 -3.25 26.74
C MET A 51 -9.39 -3.26 26.74
N ILE A 52 -9.70 -2.56 27.83
CA ILE A 52 -9.91 -3.23 29.13
C ILE A 52 -11.05 -4.24 29.02
N ASN A 53 -12.16 -3.81 28.41
CA ASN A 53 -13.37 -4.64 28.31
C ASN A 53 -13.13 -5.99 27.59
N GLU A 54 -12.18 -6.01 26.66
CA GLU A 54 -11.87 -7.25 25.95
C GLU A 54 -11.59 -8.42 26.92
N VAL A 55 -10.93 -8.15 28.04
CA VAL A 55 -10.52 -9.24 28.96
C VAL A 55 -10.94 -9.01 30.42
N ASP A 56 -11.79 -8.02 30.67
CA ASP A 56 -12.16 -7.66 32.02
C ASP A 56 -13.27 -8.57 32.55
N ALA A 57 -12.87 -9.80 32.89
CA ALA A 57 -13.81 -10.87 33.24
C ALA A 57 -14.63 -10.59 34.49
N ASP A 58 -14.02 -9.93 35.46
CA ASP A 58 -14.73 -9.56 36.69
C ASP A 58 -15.44 -8.20 36.59
N GLY A 59 -15.24 -7.48 35.49
CA GLY A 59 -15.90 -6.18 35.32
C GLY A 59 -15.53 -5.10 36.31
N ASN A 60 -14.33 -5.20 36.90
CA ASN A 60 -13.91 -4.17 37.83
C ASN A 60 -13.27 -2.93 37.19
N GLY A 61 -13.21 -2.87 35.86
CA GLY A 61 -12.70 -1.70 35.16
C GLY A 61 -11.19 -1.61 34.92
N THR A 62 -10.43 -2.60 35.40
CA THR A 62 -8.97 -2.60 35.27
C THR A 62 -8.53 -4.00 34.85
N ILE A 63 -7.32 -4.07 34.31
CA ILE A 63 -6.74 -5.33 33.89
C ILE A 63 -5.76 -5.83 34.96
N ASP A 64 -5.99 -7.02 35.47
CA ASP A 64 -5.04 -7.66 36.37
C ASP A 64 -4.13 -8.60 35.58
N PHE A 65 -3.19 -9.25 36.27
CA PHE A 65 -2.22 -10.08 35.58
C PHE A 65 -2.83 -11.26 34.80
N PRO A 66 -3.73 -12.04 35.43
CA PRO A 66 -4.37 -13.09 34.62
C PRO A 66 -5.10 -12.54 33.38
N GLU A 67 -5.80 -11.43 33.52
CA GLU A 67 -6.52 -10.83 32.39
C GLU A 67 -5.52 -10.38 31.31
N PHE A 68 -4.41 -9.79 31.73
CA PHE A 68 -3.35 -9.40 30.81
C PHE A 68 -2.80 -10.60 30.04
N LEU A 69 -2.55 -11.70 30.74
CA LEU A 69 -2.11 -12.90 30.04
C LEU A 69 -3.15 -13.51 29.10
N THR A 70 -4.41 -13.43 29.47
CA THR A 70 -5.49 -13.85 28.60
C THR A 70 -5.47 -13.03 27.31
N MET A 71 -5.25 -11.72 27.44
N MET A 71 -5.26 -11.72 27.45
CA MET A 71 -5.09 -10.88 26.27
CA MET A 71 -5.09 -10.84 26.30
C MET A 71 -3.92 -11.32 25.41
C MET A 71 -3.92 -11.30 25.42
N MET A 72 -2.79 -11.60 26.04
CA MET A 72 -1.62 -12.05 25.30
C MET A 72 -1.88 -13.38 24.61
N ALA A 73 -2.53 -14.31 25.30
CA ALA A 73 -2.84 -15.60 24.68
C ALA A 73 -3.72 -15.44 23.45
N ARG A 74 -4.67 -14.51 23.53
CA ARG A 74 -5.65 -14.29 22.47
C ARG A 74 -5.00 -13.58 21.28
N LYS A 75 -4.17 -12.59 21.56
CA LYS A 75 -3.65 -11.71 20.52
C LYS A 75 -2.33 -12.16 19.93
N MET A 76 -1.46 -12.80 20.71
CA MET A 76 -0.06 -12.89 20.27
C MET A 76 0.19 -13.98 19.26
N LYS A 77 0.94 -13.62 18.23
CA LYS A 77 1.21 -14.47 17.08
C LYS A 77 2.71 -14.51 16.83
N ASP A 78 3.11 -15.11 15.71
CA ASP A 78 4.51 -15.08 15.28
C ASP A 78 5.01 -13.62 15.13
N THR A 79 6.28 -13.38 15.48
CA THR A 79 6.89 -12.05 15.33
C THR A 79 6.97 -11.60 13.86
N ASP A 80 6.94 -12.55 12.92
CA ASP A 80 7.01 -12.23 11.50
C ASP A 80 5.69 -12.43 10.75
N SER A 81 4.57 -12.51 11.47
CA SER A 81 3.25 -12.52 10.82
C SER A 81 2.93 -11.14 10.25
N GLU A 82 2.08 -11.10 9.23
CA GLU A 82 1.71 -9.85 8.57
C GLU A 82 1.04 -8.84 9.49
N GLU A 83 0.19 -9.36 10.35
N GLU A 83 0.05 -9.27 10.25
CA GLU A 83 -0.49 -8.60 11.37
CA GLU A 83 -0.79 -8.35 11.04
C GLU A 83 0.45 -8.03 12.43
C GLU A 83 0.01 -7.61 12.09
N GLU A 84 1.40 -8.82 12.94
N GLU A 84 1.13 -8.57 12.74
CA GLU A 84 2.32 -8.26 13.93
CA GLU A 84 2.12 -8.21 13.75
C GLU A 84 3.24 -7.20 13.28
C GLU A 84 3.11 -7.16 13.23
N ILE A 85 3.64 -7.40 12.04
CA ILE A 85 4.54 -6.43 11.38
C ILE A 85 3.83 -5.10 11.07
N ARG A 86 2.59 -5.16 10.58
N ARG A 86 2.59 -5.19 10.57
CA ARG A 86 1.80 -3.94 10.35
CA ARG A 86 1.78 -4.02 10.29
C ARG A 86 1.54 -3.19 11.66
C ARG A 86 1.45 -3.25 11.56
N GLU A 87 1.15 -3.92 12.71
N GLU A 87 1.19 -3.96 12.67
CA GLU A 87 0.93 -3.27 14.01
CA GLU A 87 0.96 -3.27 13.94
C GLU A 87 2.21 -2.65 14.57
C GLU A 87 2.23 -2.60 14.45
N ALA A 88 3.36 -3.30 14.36
CA ALA A 88 4.65 -2.77 14.80
C ALA A 88 4.99 -1.49 14.01
N PHE A 89 4.74 -1.50 12.71
CA PHE A 89 4.99 -0.31 11.92
C PHE A 89 4.17 0.88 12.46
N ARG A 90 2.90 0.67 12.74
CA ARG A 90 2.01 1.72 13.22
C ARG A 90 2.50 2.30 14.54
N VAL A 91 3.02 1.45 15.41
CA VAL A 91 3.55 1.92 16.69
C VAL A 91 4.79 2.81 16.50
N PHE A 92 5.73 2.38 15.66
CA PHE A 92 6.93 3.19 15.43
C PHE A 92 6.64 4.46 14.65
N ASP A 93 5.65 4.41 13.77
CA ASP A 93 5.26 5.59 13.00
C ASP A 93 4.36 6.48 13.85
N LYS A 94 4.98 7.27 14.72
CA LYS A 94 4.25 8.00 15.75
C LYS A 94 3.18 8.91 15.19
N ASP A 95 3.49 9.60 14.09
CA ASP A 95 2.54 10.54 13.53
C ASP A 95 1.63 9.96 12.43
N GLY A 96 1.82 8.69 12.09
CA GLY A 96 0.97 8.03 11.12
C GLY A 96 1.17 8.48 9.68
N ASN A 97 2.29 9.13 9.39
CA ASN A 97 2.52 9.66 8.05
C ASN A 97 3.08 8.66 7.03
N GLY A 98 3.26 7.40 7.44
CA GLY A 98 3.77 6.36 6.56
C GLY A 98 5.28 6.18 6.50
N TYR A 99 6.02 6.95 7.29
CA TYR A 99 7.46 6.82 7.37
C TYR A 99 7.89 6.83 8.82
N ILE A 100 8.77 5.90 9.18
CA ILE A 100 9.42 5.95 10.48
C ILE A 100 10.69 6.79 10.36
N SER A 101 10.76 7.89 11.10
CA SER A 101 11.98 8.71 11.20
C SER A 101 12.90 8.25 12.31
N ALA A 102 14.17 8.67 12.25
CA ALA A 102 15.11 8.41 13.35
C ALA A 102 14.57 8.90 14.71
N ALA A 103 13.97 10.08 14.69
CA ALA A 103 13.44 10.64 15.92
C ALA A 103 12.30 9.77 16.47
N GLU A 104 11.43 9.29 15.59
CA GLU A 104 10.33 8.40 15.99
C GLU A 104 10.85 7.08 16.55
N LEU A 105 11.76 6.47 15.84
CA LEU A 105 12.33 5.21 16.29
C LEU A 105 12.98 5.37 17.66
N ARG A 106 13.79 6.40 17.83
CA ARG A 106 14.43 6.65 19.12
C ARG A 106 13.39 6.82 20.24
N HIS A 107 12.39 7.67 19.99
CA HIS A 107 11.36 7.98 20.98
C HIS A 107 10.57 6.73 21.40
N VAL A 108 10.08 5.97 20.43
CA VAL A 108 9.28 4.78 20.70
C VAL A 108 10.09 3.72 21.43
N MET A 109 11.32 3.50 21.01
CA MET A 109 12.13 2.46 21.62
C MET A 109 12.40 2.75 23.10
N THR A 110 12.70 4.01 23.42
N THR A 110 12.82 3.97 23.43
CA THR A 110 12.94 4.38 24.81
CA THR A 110 13.14 4.26 24.83
C THR A 110 11.65 4.42 25.65
C THR A 110 11.91 4.13 25.71
N ASN A 111 10.53 4.85 25.09
N ASN A 111 10.81 4.71 25.22
CA ASN A 111 9.30 4.82 25.87
CA ASN A 111 9.56 4.74 25.98
C ASN A 111 8.75 3.39 26.06
C ASN A 111 8.88 3.37 26.14
N LEU A 112 9.20 2.43 25.26
CA LEU A 112 8.75 1.02 25.43
C LEU A 112 9.74 0.16 26.22
N GLY A 113 10.81 0.77 26.71
CA GLY A 113 11.77 0.09 27.58
C GLY A 113 12.95 -0.58 26.92
N GLU A 114 13.28 -0.19 25.69
CA GLU A 114 14.44 -0.70 24.99
C GLU A 114 15.18 0.44 24.33
N LYS A 115 15.71 1.33 25.14
CA LYS A 115 16.44 2.49 24.65
C LYS A 115 17.57 2.10 23.69
N LEU A 116 17.65 2.82 22.59
CA LEU A 116 18.74 2.67 21.64
C LEU A 116 19.72 3.84 21.77
N THR A 117 20.99 3.54 21.50
CA THR A 117 21.99 4.58 21.39
C THR A 117 21.76 5.25 20.04
N ASP A 118 22.26 6.47 19.87
CA ASP A 118 22.10 7.14 18.58
C ASP A 118 22.75 6.36 17.43
N GLU A 119 23.81 5.62 17.77
CA GLU A 119 24.52 4.82 16.81
C GLU A 119 23.66 3.63 16.37
N GLU A 120 22.98 3.00 17.32
CA GLU A 120 22.04 1.92 16.99
C GLU A 120 20.87 2.39 16.13
N VAL A 121 20.36 3.58 16.41
CA VAL A 121 19.29 4.19 15.62
C VAL A 121 19.76 4.45 14.19
N ASP A 122 20.84 5.22 14.06
CA ASP A 122 21.38 5.53 12.73
C ASP A 122 21.71 4.27 11.93
N GLU A 123 22.22 3.24 12.59
N GLU A 123 22.22 3.24 12.59
CA GLU A 123 22.59 2.00 11.91
CA GLU A 123 22.57 1.99 11.91
C GLU A 123 21.37 1.22 11.40
C GLU A 123 21.33 1.30 11.36
N MET A 124 20.30 1.20 12.19
CA MET A 124 19.07 0.56 11.76
C MET A 124 18.45 1.33 10.59
N ILE A 125 18.39 2.65 10.70
CA ILE A 125 17.77 3.46 9.65
C ILE A 125 18.55 3.34 8.36
N ARG A 126 19.87 3.49 8.45
CA ARG A 126 20.74 3.41 7.27
C ARG A 126 20.54 2.09 6.56
N GLU A 127 20.60 0.98 7.30
CA GLU A 127 20.52 -0.33 6.66
C GLU A 127 19.16 -0.65 6.09
N ALA A 128 18.09 -0.21 6.76
CA ALA A 128 16.74 -0.45 6.29
C ALA A 128 16.32 0.49 5.17
N ASP A 129 16.96 1.66 5.10
CA ASP A 129 16.54 2.70 4.15
C ASP A 129 17.10 2.46 2.75
N ILE A 130 16.38 1.68 1.98
CA ILE A 130 16.82 1.27 0.65
C ILE A 130 16.62 2.40 -0.35
N ASP A 131 15.51 3.12 -0.25
CA ASP A 131 15.26 4.18 -1.22
C ASP A 131 16.05 5.47 -0.97
N GLY A 132 16.77 5.54 0.15
CA GLY A 132 17.71 6.62 0.43
C GLY A 132 17.13 7.93 0.92
N ASP A 133 15.87 7.92 1.37
CA ASP A 133 15.22 9.14 1.85
C ASP A 133 15.45 9.43 3.35
N GLY A 134 16.32 8.67 3.99
CA GLY A 134 16.61 8.85 5.40
C GLY A 134 15.58 8.30 6.38
N GLN A 135 14.48 7.73 5.90
CA GLN A 135 13.42 7.21 6.77
C GLN A 135 13.01 5.82 6.30
N VAL A 136 12.20 5.12 7.10
CA VAL A 136 11.83 3.73 6.80
C VAL A 136 10.32 3.65 6.56
N ASN A 137 9.92 3.34 5.32
CA ASN A 137 8.52 3.14 4.98
C ASN A 137 8.09 1.72 5.27
N TYR A 138 6.82 1.42 5.07
CA TYR A 138 6.31 0.10 5.44
C TYR A 138 6.99 -1.03 4.69
N GLU A 139 7.21 -0.84 3.39
CA GLU A 139 7.83 -1.89 2.57
C GLU A 139 9.26 -2.15 3.04
N GLU A 140 9.98 -1.08 3.37
CA GLU A 140 11.33 -1.22 3.92
C GLU A 140 11.28 -1.91 5.27
N PHE A 141 10.26 -1.58 6.05
CA PHE A 141 10.09 -2.15 7.38
C PHE A 141 9.84 -3.66 7.30
N VAL A 142 8.94 -4.07 6.41
CA VAL A 142 8.71 -5.49 6.19
C VAL A 142 10.00 -6.22 5.88
N GLN A 143 10.77 -5.68 4.92
N GLN A 143 10.81 -5.70 4.95
CA GLN A 143 12.04 -6.26 4.55
CA GLN A 143 12.06 -6.37 4.59
C GLN A 143 12.97 -6.39 5.77
C GLN A 143 13.06 -6.38 5.74
N MET A 144 13.08 -5.32 6.56
CA MET A 144 13.93 -5.31 7.75
C MET A 144 13.51 -6.39 8.74
N MET A 145 12.20 -6.56 8.90
CA MET A 145 11.65 -7.42 9.95
C MET A 145 11.56 -8.88 9.56
N THR A 146 11.59 -9.15 8.27
CA THR A 146 11.51 -10.53 7.81
C THR A 146 12.88 -11.09 7.44
N ALA A 147 13.78 -10.25 6.90
CA ALA A 147 15.11 -10.71 6.44
C ALA A 147 15.79 -11.63 7.45
N LYS A 148 15.48 -12.94 7.35
CA LYS A 148 15.85 -13.93 8.35
C LYS A 148 15.27 -13.59 9.73
N ASN B 3 21.29 -4.73 13.46
CA ASN B 3 21.23 -6.02 14.21
C ASN B 3 20.82 -5.86 15.67
N LYS B 4 21.49 -5.01 16.44
CA LYS B 4 21.19 -4.88 17.87
C LYS B 4 19.85 -4.20 18.13
N ALA B 5 19.57 -3.12 17.39
CA ALA B 5 18.27 -2.47 17.45
C ALA B 5 17.15 -3.44 17.03
N LEU B 6 17.40 -4.26 16.02
CA LEU B 6 16.39 -5.20 15.57
C LEU B 6 16.15 -6.26 16.64
N LYS B 7 17.21 -6.74 17.25
CA LYS B 7 17.07 -7.72 18.36
C LYS B 7 16.21 -7.14 19.49
N LYS B 8 16.41 -5.85 19.77
CA LYS B 8 15.58 -5.15 20.77
C LYS B 8 14.12 -5.01 20.35
N ILE B 9 13.86 -4.73 19.08
CA ILE B 9 12.48 -4.77 18.60
C ILE B 9 11.82 -6.14 18.82
N ARG B 10 12.57 -7.20 18.53
N ARG B 10 12.54 -7.21 18.51
CA ARG B 10 12.06 -8.57 18.75
CA ARG B 10 11.99 -8.55 18.71
C ARG B 10 11.73 -8.81 20.20
C ARG B 10 11.76 -8.88 20.20
N LYS B 11 12.57 -8.28 21.08
CA LYS B 11 12.32 -8.35 22.53
C LYS B 11 10.98 -7.72 22.86
N LEU B 12 10.71 -6.53 22.34
CA LEU B 12 9.43 -5.87 22.60
C LEU B 12 8.23 -6.71 22.10
N GLN B 13 8.37 -7.32 20.92
CA GLN B 13 7.32 -8.17 20.37
C GLN B 13 7.05 -9.39 21.24
N LYS B 14 8.10 -10.05 21.70
CA LYS B 14 7.97 -11.27 22.49
C LYS B 14 7.45 -11.06 23.92
N ARG B 15 7.49 -9.84 24.41
CA ARG B 15 6.86 -9.57 25.68
C ARG B 15 5.50 -8.87 25.54
N GLY B 16 5.00 -8.81 24.32
CA GLY B 16 3.61 -8.45 24.06
C GLY B 16 3.34 -6.96 23.92
N LEU B 17 4.40 -6.15 23.89
CA LEU B 17 4.23 -4.69 23.94
C LEU B 17 3.69 -4.11 22.63
N ILE B 18 3.98 -4.76 21.50
CA ILE B 18 3.34 -4.37 20.25
C ILE B 18 1.86 -4.70 20.26
N GLN B 19 1.48 -5.86 20.77
CA GLN B 19 0.06 -6.19 20.90
C GLN B 19 -0.66 -5.21 21.84
N MET B 20 0.03 -4.73 22.86
CA MET B 20 -0.59 -3.77 23.77
C MET B 20 -0.70 -2.36 23.17
N THR B 21 0.19 -1.99 22.26
CA THR B 21 0.30 -0.59 21.83
C THR B 21 -0.07 -0.39 20.36
N ALA C 1 -4.12 27.45 -9.66
CA ALA C 1 -3.93 28.31 -8.46
C ALA C 1 -5.29 28.77 -7.90
N TYR C 2 -5.32 28.98 -6.59
CA TYR C 2 -6.49 29.58 -5.97
C TYR C 2 -6.62 31.02 -6.50
N GLN C 3 -7.84 31.52 -6.55
CA GLN C 3 -8.07 32.91 -6.89
C GLN C 3 -8.40 33.60 -5.58
N LEU C 4 -7.95 34.85 -5.49
N LEU C 4 -7.89 34.81 -5.40
CA LEU C 4 -8.15 35.67 -4.30
CA LEU C 4 -8.16 35.50 -4.15
C LEU C 4 -9.53 36.31 -4.27
C LEU C 4 -9.49 36.26 -4.23
N THR C 5 -10.58 35.50 -4.31
CA THR C 5 -11.95 36.00 -4.20
C THR C 5 -12.31 36.12 -2.72
N GLU C 6 -13.38 36.86 -2.43
N GLU C 6 -13.39 36.83 -2.45
CA GLU C 6 -13.85 37.05 -1.05
CA GLU C 6 -13.81 37.03 -1.06
C GLU C 6 -14.19 35.70 -0.41
C GLU C 6 -14.19 35.70 -0.41
N GLU C 7 -14.86 34.83 -1.19
CA GLU C 7 -15.21 33.50 -0.69
C GLU C 7 -13.97 32.71 -0.29
N GLN C 8 -12.96 32.70 -1.15
CA GLN C 8 -11.76 31.93 -0.91
C GLN C 8 -10.99 32.46 0.30
N ILE C 9 -10.93 33.79 0.43
CA ILE C 9 -10.30 34.37 1.61
C ILE C 9 -11.04 33.89 2.87
N ALA C 10 -12.38 33.95 2.85
CA ALA C 10 -13.18 33.51 4.00
C ALA C 10 -12.99 32.02 4.30
N GLU C 11 -12.85 31.19 3.28
CA GLU C 11 -12.58 29.76 3.50
C GLU C 11 -11.25 29.55 4.22
N PHE C 12 -10.21 30.19 3.72
CA PHE C 12 -8.91 30.10 4.38
C PHE C 12 -8.95 30.68 5.79
N LYS C 13 -9.65 31.79 5.99
CA LYS C 13 -9.79 32.40 7.32
C LYS C 13 -10.51 31.46 8.28
N GLU C 14 -11.53 30.76 7.81
CA GLU C 14 -12.23 29.77 8.62
C GLU C 14 -11.28 28.65 9.12
N ALA C 15 -10.40 28.17 8.23
CA ALA C 15 -9.42 27.15 8.59
C ALA C 15 -8.47 27.72 9.64
N PHE C 16 -7.97 28.91 9.36
CA PHE C 16 -7.03 29.59 10.24
C PHE C 16 -7.59 29.76 11.66
N SER C 17 -8.84 30.21 11.73
CA SER C 17 -9.50 30.49 13.00
C SER C 17 -9.77 29.24 13.83
N LEU C 18 -9.87 28.07 13.19
CA LEU C 18 -10.05 26.84 13.96
C LEU C 18 -8.84 26.64 14.90
N PHE C 19 -7.67 26.93 14.38
CA PHE C 19 -6.42 26.85 15.16
C PHE C 19 -6.29 28.05 16.09
N ASP C 20 -6.54 29.24 15.54
CA ASP C 20 -6.32 30.48 16.25
C ASP C 20 -7.48 30.80 17.18
N LYS C 21 -7.62 30.01 18.25
CA LYS C 21 -8.81 30.06 19.07
C LYS C 21 -8.90 31.33 19.91
N ASP C 22 -7.77 32.00 20.14
CA ASP C 22 -7.77 33.24 20.90
C ASP C 22 -7.89 34.49 20.03
N GLY C 23 -7.98 34.28 18.71
CA GLY C 23 -8.15 35.36 17.76
C GLY C 23 -7.05 36.41 17.73
N ASP C 24 -5.81 36.03 18.05
CA ASP C 24 -4.74 37.03 18.08
C ASP C 24 -4.02 37.16 16.75
N GLY C 25 -4.46 36.40 15.75
CA GLY C 25 -3.90 36.46 14.42
C GLY C 25 -2.66 35.62 14.21
N THR C 26 -2.30 34.82 15.22
CA THR C 26 -1.17 33.91 15.07
C THR C 26 -1.56 32.52 15.55
N ILE C 27 -1.00 31.50 14.92
CA ILE C 27 -1.18 30.13 15.38
C ILE C 27 0.14 29.74 16.05
N THR C 28 0.03 29.32 17.30
CA THR C 28 1.17 28.92 18.09
C THR C 28 1.31 27.40 18.16
N THR C 29 2.43 26.93 18.70
CA THR C 29 2.59 25.50 18.93
C THR C 29 1.51 24.96 19.87
N LYS C 30 1.18 25.73 20.90
CA LYS C 30 0.11 25.35 21.85
C LYS C 30 -1.21 25.13 21.11
N GLU C 31 -1.55 26.08 20.25
CA GLU C 31 -2.79 26.02 19.49
C GLU C 31 -2.85 24.84 18.52
N LEU C 32 -1.73 24.58 17.85
CA LEU C 32 -1.62 23.44 16.93
C LEU C 32 -1.70 22.13 17.76
N GLY C 33 -1.02 22.10 18.89
CA GLY C 33 -1.06 20.92 19.76
C GLY C 33 -2.47 20.56 20.18
N THR C 34 -3.25 21.57 20.59
CA THR C 34 -4.61 21.32 21.04
C THR C 34 -5.40 20.62 19.94
N VAL C 35 -5.29 21.14 18.71
CA VAL C 35 -6.01 20.53 17.58
C VAL C 35 -5.50 19.13 17.28
N MET C 36 -4.18 18.94 17.24
CA MET C 36 -3.63 17.60 17.00
C MET C 36 -4.09 16.55 18.01
N ARG C 37 -4.18 16.92 19.27
CA ARG C 37 -4.63 15.99 20.30
C ARG C 37 -6.12 15.69 20.11
N SER C 38 -6.88 16.69 19.67
CA SER C 38 -8.28 16.46 19.34
C SER C 38 -8.45 15.53 18.12
N LEU C 39 -7.39 15.33 17.35
CA LEU C 39 -7.41 14.41 16.19
C LEU C 39 -6.65 13.12 16.47
N GLY C 40 -6.49 12.77 17.75
CA GLY C 40 -5.88 11.50 18.10
C GLY C 40 -4.37 11.38 18.00
N GLN C 41 -3.67 12.51 17.92
CA GLN C 41 -2.22 12.54 17.84
C GLN C 41 -1.63 13.26 19.05
N ASN C 42 -0.41 12.92 19.43
CA ASN C 42 0.21 13.57 20.56
C ASN C 42 1.65 13.93 20.22
N PRO C 43 1.82 14.86 19.28
CA PRO C 43 3.19 15.27 18.95
C PRO C 43 3.89 16.00 20.11
N THR C 44 5.22 15.88 20.14
CA THR C 44 6.00 16.56 21.13
C THR C 44 6.11 18.06 20.74
N GLU C 45 6.61 18.86 21.66
CA GLU C 45 6.83 20.25 21.37
C GLU C 45 7.75 20.47 20.18
N ALA C 46 8.84 19.71 20.09
CA ALA C 46 9.77 19.83 18.95
C ALA C 46 9.08 19.45 17.66
N GLU C 47 8.26 18.43 17.71
CA GLU C 47 7.50 18.00 16.53
C GLU C 47 6.54 19.10 16.11
N LEU C 48 5.91 19.74 17.09
CA LEU C 48 5.00 20.85 16.80
C LEU C 48 5.75 22.06 16.25
N GLN C 49 6.91 22.40 16.82
CA GLN C 49 7.75 23.47 16.28
C GLN C 49 8.08 23.16 14.81
N ASP C 50 8.39 21.91 14.49
CA ASP C 50 8.77 21.58 13.13
C ASP C 50 7.57 21.78 12.19
N MET C 51 6.39 21.43 12.64
CA MET C 51 5.18 21.62 11.82
C MET C 51 4.96 23.11 11.59
N ILE C 52 5.09 23.89 12.66
CA ILE C 52 4.92 25.34 12.57
C ILE C 52 5.99 25.93 11.65
N ASN C 53 7.22 25.47 11.80
CA ASN C 53 8.35 26.12 11.13
C ASN C 53 8.46 25.81 9.62
N GLU C 54 7.72 24.80 9.16
CA GLU C 54 7.52 24.58 7.72
C GLU C 54 6.76 25.75 7.06
N VAL C 55 6.02 26.48 7.89
CA VAL C 55 5.12 27.55 7.43
C VAL C 55 5.61 28.96 7.86
N ASP C 56 6.05 29.09 9.10
CA ASP C 56 6.68 30.32 9.58
C ASP C 56 7.82 30.70 8.68
N ALA C 57 7.90 31.98 8.31
CA ALA C 57 8.95 32.43 7.42
C ALA C 57 9.77 33.57 8.00
N ASP C 58 9.28 34.19 9.08
CA ASP C 58 9.99 35.33 9.66
C ASP C 58 10.57 35.00 11.02
N GLY C 59 10.57 33.72 11.38
CA GLY C 59 11.28 33.29 12.58
C GLY C 59 10.70 33.70 13.93
N ASN C 60 9.43 34.09 13.96
CA ASN C 60 8.78 34.32 15.28
C ASN C 60 8.14 33.06 15.88
N GLY C 61 8.30 31.91 15.23
CA GLY C 61 7.81 30.64 15.78
C GLY C 61 6.30 30.43 15.77
N THR C 62 5.59 31.29 15.03
CA THR C 62 4.14 31.22 14.92
C THR C 62 3.81 31.50 13.47
N ILE C 63 2.56 31.23 13.12
CA ILE C 63 2.04 31.33 11.75
C ILE C 63 1.01 32.47 11.68
N ASP C 64 1.22 33.43 10.80
CA ASP C 64 0.22 34.46 10.57
C ASP C 64 -0.55 34.16 9.29
N PHE C 65 -1.56 34.97 8.97
CA PHE C 65 -2.38 34.67 7.81
C PHE C 65 -1.61 34.68 6.48
N PRO C 66 -0.74 35.69 6.25
CA PRO C 66 0.02 35.60 4.99
C PRO C 66 0.87 34.34 4.89
N GLU C 67 1.47 33.91 5.99
CA GLU C 67 2.23 32.66 5.96
C GLU C 67 1.35 31.43 5.67
N PHE C 68 0.16 31.40 6.27
CA PHE C 68 -0.81 30.34 6.03
C PHE C 68 -1.23 30.30 4.56
N LEU C 69 -1.55 31.46 4.00
CA LEU C 69 -1.87 31.54 2.58
C LEU C 69 -0.71 31.06 1.68
N THR C 70 0.51 31.45 2.02
CA THR C 70 1.71 31.08 1.27
C THR C 70 1.90 29.55 1.26
N MET C 71 1.69 28.92 2.42
N MET C 71 1.70 28.93 2.42
CA MET C 71 1.71 27.48 2.53
CA MET C 71 1.69 27.47 2.55
C MET C 71 0.69 26.83 1.60
C MET C 71 0.69 26.84 1.59
N MET C 72 -0.52 27.38 1.56
CA MET C 72 -1.58 26.84 0.69
C MET C 72 -1.22 27.02 -0.79
N ALA C 73 -0.63 28.18 -1.12
CA ALA C 73 -0.20 28.40 -2.48
C ALA C 73 0.87 27.37 -2.89
N ARG C 74 1.85 27.19 -2.01
N ARG C 74 1.86 27.17 -2.02
CA ARG C 74 2.96 26.26 -2.22
CA ARG C 74 2.96 26.26 -2.29
C ARG C 74 2.52 24.82 -2.43
C ARG C 74 2.51 24.81 -2.45
N LYS C 75 1.64 24.34 -1.55
CA LYS C 75 1.12 22.98 -1.65
C LYS C 75 0.26 22.77 -2.89
N MET C 76 -0.61 23.72 -3.20
CA MET C 76 -1.41 23.62 -4.40
C MET C 76 -0.50 23.41 -5.62
N LYS C 77 0.63 24.10 -5.64
CA LYS C 77 1.59 24.00 -6.74
C LYS C 77 2.44 22.72 -6.69
N ASP C 78 2.81 22.29 -5.47
CA ASP C 78 3.79 21.20 -5.27
C ASP C 78 3.19 19.80 -5.21
N THR C 79 2.02 19.67 -4.60
CA THR C 79 1.42 18.36 -4.34
C THR C 79 0.27 18.08 -5.32
N ASP C 80 0.08 16.80 -5.66
CA ASP C 80 -1.04 16.41 -6.52
C ASP C 80 -2.23 15.89 -5.73
N SER C 81 -3.35 15.73 -6.43
CA SER C 81 -4.62 15.30 -5.83
C SER C 81 -4.46 14.00 -5.07
N GLU C 82 -3.70 13.08 -5.65
CA GLU C 82 -3.51 11.78 -5.03
C GLU C 82 -2.89 11.91 -3.63
N GLU C 83 -1.80 12.67 -3.56
N GLU C 83 -1.81 12.67 -3.51
CA GLU C 83 -1.09 12.96 -2.30
CA GLU C 83 -1.17 12.80 -2.21
C GLU C 83 -2.04 13.58 -1.30
C GLU C 83 -2.02 13.62 -1.24
N GLU C 84 -2.75 14.61 -1.75
CA GLU C 84 -3.69 15.35 -0.93
C GLU C 84 -4.73 14.41 -0.29
N ILE C 85 -5.28 13.53 -1.09
CA ILE C 85 -6.32 12.65 -0.58
C ILE C 85 -5.73 11.62 0.40
N ARG C 86 -4.50 11.17 0.15
CA ARG C 86 -3.81 10.31 1.10
C ARG C 86 -3.62 11.00 2.45
N GLU C 87 -3.19 12.26 2.43
CA GLU C 87 -3.05 13.04 3.68
C GLU C 87 -4.40 13.19 4.41
N ALA C 88 -5.47 13.42 3.66
CA ALA C 88 -6.81 13.49 4.25
C ALA C 88 -7.18 12.16 4.90
N PHE C 89 -6.98 11.05 4.21
CA PHE C 89 -7.25 9.74 4.79
C PHE C 89 -6.58 9.51 6.14
N ARG C 90 -5.32 9.88 6.23
CA ARG C 90 -4.52 9.70 7.44
C ARG C 90 -5.08 10.50 8.61
N VAL C 91 -5.62 11.68 8.34
CA VAL C 91 -6.24 12.47 9.38
C VAL C 91 -7.51 11.81 9.90
N PHE C 92 -8.35 11.34 8.98
CA PHE C 92 -9.62 10.70 9.39
C PHE C 92 -9.40 9.35 10.05
N ASP C 93 -8.41 8.61 9.58
CA ASP C 93 -8.07 7.31 10.17
C ASP C 93 -7.23 7.59 11.42
N LYS C 94 -7.94 7.96 12.46
CA LYS C 94 -7.38 8.54 13.65
C LYS C 94 -6.37 7.61 14.31
N ASP C 95 -6.66 6.31 14.36
CA ASP C 95 -5.74 5.36 14.99
C ASP C 95 -4.72 4.73 14.03
N GLY C 96 -4.77 5.12 12.76
CA GLY C 96 -3.82 4.64 11.79
C GLY C 96 -3.93 3.18 11.42
N ASN C 97 -5.10 2.57 11.62
CA ASN C 97 -5.24 1.13 11.36
C ASN C 97 -5.67 0.76 9.94
N GLY C 98 -5.82 1.78 9.09
CA GLY C 98 -6.20 1.61 7.70
C GLY C 98 -7.69 1.60 7.42
N TYR C 99 -8.51 1.92 8.44
CA TYR C 99 -9.95 1.94 8.25
C TYR C 99 -10.50 3.12 9.01
N ILE C 100 -11.32 3.93 8.36
CA ILE C 100 -12.05 4.97 9.05
C ILE C 100 -13.37 4.36 9.59
N SER C 101 -13.49 4.30 10.91
CA SER C 101 -14.73 3.85 11.54
C SER C 101 -15.75 4.98 11.66
N ALA C 102 -16.99 4.62 11.99
CA ALA C 102 -18.00 5.64 12.22
C ALA C 102 -17.65 6.51 13.41
N ALA C 103 -17.06 5.90 14.45
CA ALA C 103 -16.61 6.69 15.61
C ALA C 103 -15.53 7.72 15.21
N GLU C 104 -14.56 7.26 14.42
CA GLU C 104 -13.50 8.15 13.97
C GLU C 104 -14.05 9.27 13.10
N LEU C 105 -14.91 8.93 12.14
CA LEU C 105 -15.51 9.94 11.30
C LEU C 105 -16.27 11.00 12.09
N ARG C 106 -17.13 10.57 13.02
CA ARG C 106 -17.86 11.50 13.87
C ARG C 106 -16.89 12.41 14.63
N HIS C 107 -15.90 11.78 15.30
CA HIS C 107 -14.94 12.48 16.14
C HIS C 107 -14.13 13.53 15.36
N VAL C 108 -13.58 13.12 14.23
CA VAL C 108 -12.73 14.00 13.46
C VAL C 108 -13.56 15.11 12.82
N MET C 109 -14.73 14.81 12.27
CA MET C 109 -15.58 15.86 11.72
C MET C 109 -15.90 16.92 12.77
N THR C 110 -16.29 16.49 13.96
CA THR C 110 -16.62 17.42 15.04
C THR C 110 -15.43 18.27 15.43
N ASN C 111 -14.29 17.63 15.62
CA ASN C 111 -13.10 18.36 16.03
C ASN C 111 -12.46 19.19 14.92
N LEU C 112 -12.82 18.94 13.67
CA LEU C 112 -12.49 19.87 12.57
C LEU C 112 -13.54 20.97 12.34
N GLY C 113 -14.50 21.08 13.26
CA GLY C 113 -15.44 22.19 13.28
C GLY C 113 -16.79 21.97 12.65
N GLU C 114 -17.06 20.76 12.18
CA GLU C 114 -18.34 20.46 11.54
C GLU C 114 -19.34 20.07 12.60
N LYS C 115 -20.61 20.31 12.28
CA LYS C 115 -21.73 20.03 13.17
C LYS C 115 -22.67 19.08 12.40
N LEU C 116 -22.29 17.82 12.38
CA LEU C 116 -23.09 16.79 11.72
C LEU C 116 -23.91 16.05 12.76
N THR C 117 -25.00 15.43 12.32
CA THR C 117 -25.72 14.48 13.18
C THR C 117 -25.09 13.10 13.02
N ASP C 118 -25.32 12.24 14.00
N ASP C 118 -25.37 12.25 14.00
CA ASP C 118 -24.80 10.88 13.96
CA ASP C 118 -25.01 10.85 13.98
C ASP C 118 -25.35 10.12 12.75
C ASP C 118 -25.45 10.21 12.67
N GLU C 119 -26.60 10.40 12.33
N GLU C 119 -26.72 10.41 12.31
CA GLU C 119 -27.19 9.75 11.15
CA GLU C 119 -27.29 9.79 11.11
C GLU C 119 -26.54 10.20 9.85
C GLU C 119 -26.53 10.21 9.85
N GLU C 120 -26.15 11.47 9.79
CA GLU C 120 -25.42 11.99 8.65
C GLU C 120 -24.05 11.28 8.53
N VAL C 121 -23.38 11.07 9.66
CA VAL C 121 -22.11 10.31 9.64
C VAL C 121 -22.36 8.88 9.17
N ASP C 122 -23.41 8.25 9.69
CA ASP C 122 -23.73 6.87 9.29
C ASP C 122 -24.02 6.76 7.78
N GLU C 123 -24.76 7.71 7.23
N GLU C 123 -24.73 7.74 7.22
CA GLU C 123 -25.09 7.72 5.80
CA GLU C 123 -25.10 7.70 5.81
C GLU C 123 -23.85 7.83 4.94
C GLU C 123 -23.89 7.91 4.89
N MET C 124 -22.92 8.70 5.33
CA MET C 124 -21.65 8.83 4.62
C MET C 124 -20.89 7.50 4.57
N ILE C 125 -20.81 6.84 5.71
CA ILE C 125 -20.11 5.58 5.80
C ILE C 125 -20.81 4.56 4.88
N ARG C 126 -22.12 4.41 5.05
N ARG C 126 -22.11 4.42 5.05
CA ARG C 126 -22.91 3.46 4.26
CA ARG C 126 -22.90 3.44 4.30
C ARG C 126 -22.65 3.61 2.78
C ARG C 126 -22.74 3.60 2.78
N GLU C 127 -22.76 4.84 2.30
CA GLU C 127 -22.60 5.08 0.88
C GLU C 127 -21.18 4.75 0.38
N ALA C 128 -20.19 5.08 1.19
CA ALA C 128 -18.78 4.90 0.81
C ALA C 128 -18.31 3.46 0.98
N ASP C 129 -19.04 2.69 1.75
CA ASP C 129 -18.60 1.36 2.17
C ASP C 129 -18.97 0.30 1.13
N ILE C 130 -18.07 0.05 0.20
CA ILE C 130 -18.34 -0.86 -0.90
C ILE C 130 -18.32 -2.32 -0.44
N ASP C 131 -17.41 -2.66 0.45
CA ASP C 131 -17.23 -4.06 0.85
C ASP C 131 -18.13 -4.49 1.99
N GLY C 132 -18.85 -3.53 2.58
CA GLY C 132 -19.86 -3.83 3.57
C GLY C 132 -19.36 -4.11 4.98
N ASP C 133 -18.12 -3.75 5.29
CA ASP C 133 -17.61 -3.98 6.64
C ASP C 133 -17.93 -2.86 7.65
N GLY C 134 -18.71 -1.86 7.22
CA GLY C 134 -19.14 -0.76 8.10
C GLY C 134 -18.08 0.33 8.34
N GLN C 135 -16.99 0.26 7.59
CA GLN C 135 -15.88 1.20 7.73
C GLN C 135 -15.37 1.55 6.36
N VAL C 136 -14.55 2.58 6.29
CA VAL C 136 -14.07 3.10 5.03
C VAL C 136 -12.54 2.92 4.94
N ASN C 137 -12.10 2.06 4.02
CA ASN C 137 -10.66 1.86 3.81
C ASN C 137 -10.12 2.90 2.83
N TYR C 138 -8.83 2.88 2.55
CA TYR C 138 -8.23 3.96 1.74
C TYR C 138 -8.79 3.98 0.33
N GLU C 139 -8.90 2.80 -0.30
N GLU C 139 -8.88 2.81 -0.31
CA GLU C 139 -9.43 2.73 -1.66
CA GLU C 139 -9.41 2.74 -1.65
C GLU C 139 -10.87 3.24 -1.70
C GLU C 139 -10.86 3.21 -1.71
N GLU C 140 -11.66 2.87 -0.70
CA GLU C 140 -13.00 3.41 -0.56
C GLU C 140 -13.04 4.95 -0.43
N PHE C 141 -12.12 5.49 0.37
CA PHE C 141 -12.02 6.94 0.61
C PHE C 141 -11.73 7.71 -0.67
N VAL C 142 -10.80 7.19 -1.45
CA VAL C 142 -10.48 7.80 -2.74
C VAL C 142 -11.69 7.83 -3.65
N GLN C 143 -12.35 6.68 -3.77
CA GLN C 143 -13.53 6.57 -4.58
C GLN C 143 -14.61 7.53 -4.09
N MET C 144 -14.77 7.63 -2.77
CA MET C 144 -15.75 8.54 -2.17
C MET C 144 -15.49 10.01 -2.47
N MET C 145 -14.23 10.42 -2.35
CA MET C 145 -13.85 11.83 -2.56
C MET C 145 -13.92 12.17 -4.03
N THR C 146 -13.55 11.21 -4.88
CA THR C 146 -13.77 11.33 -6.33
C THR C 146 -15.26 11.37 -6.63
N LYS D 1 -33.30 21.18 5.10
CA LYS D 1 -32.41 20.83 3.95
C LYS D 1 -30.93 21.02 4.32
N ARG D 2 -30.35 20.02 4.99
CA ARG D 2 -28.96 20.09 5.40
C ARG D 2 -28.05 19.49 4.32
N ASN D 3 -26.87 20.07 4.14
CA ASN D 3 -25.89 19.53 3.22
C ASN D 3 -25.37 18.19 3.68
N LYS D 4 -25.25 17.23 2.76
CA LYS D 4 -24.75 15.91 3.13
C LYS D 4 -23.31 16.05 3.64
N ALA D 5 -22.93 15.12 4.51
CA ALA D 5 -21.63 15.23 5.14
C ALA D 5 -20.48 15.01 4.15
N LEU D 6 -20.74 14.30 3.05
CA LEU D 6 -19.75 14.19 1.97
C LEU D 6 -19.47 15.56 1.32
N LYS D 7 -20.49 16.39 1.17
CA LYS D 7 -20.27 17.74 0.65
C LYS D 7 -19.32 18.52 1.59
N LYS D 8 -19.59 18.43 2.89
CA LYS D 8 -18.78 19.14 3.88
C LYS D 8 -17.34 18.61 3.92
N ILE D 9 -17.18 17.30 3.80
CA ILE D 9 -15.81 16.73 3.85
C ILE D 9 -14.95 17.12 2.64
N ARG D 10 -15.56 17.31 1.50
CA ARG D 10 -14.79 17.72 0.31
C ARG D 10 -14.30 19.19 0.41
N LYS D 11 -15.13 20.07 0.97
CA LYS D 11 -14.74 21.47 1.20
C LYS D 11 -13.71 21.63 2.32
N LEU D 12 -13.87 20.82 3.35
CA LEU D 12 -12.98 20.81 4.48
C LEU D 12 -11.58 20.57 3.96
N GLN D 13 -11.45 19.59 3.06
CA GLN D 13 -10.15 19.19 2.58
C GLN D 13 -9.41 20.31 1.83
N LYS D 14 -10.16 21.24 1.22
CA LYS D 14 -9.58 22.30 0.40
C LYS D 14 -9.15 23.56 1.16
N ARG D 15 -9.65 23.76 2.38
CA ARG D 15 -9.47 25.06 3.03
C ARG D 15 -8.23 25.18 3.89
N GLY D 16 -7.49 24.09 4.05
CA GLY D 16 -6.20 24.14 4.74
C GLY D 16 -6.09 23.39 6.05
N LEU D 17 -7.19 22.78 6.49
CA LEU D 17 -7.18 22.04 7.75
C LEU D 17 -6.31 20.80 7.65
N ILE D 18 -6.44 20.05 6.57
CA ILE D 18 -5.64 18.85 6.40
C ILE D 18 -4.18 19.23 6.14
N GLN D 19 -3.98 20.33 5.42
CA GLN D 19 -2.67 20.77 5.05
C GLN D 19 -1.90 21.17 6.29
N MET D 20 -2.60 21.69 7.30
CA MET D 20 -1.97 22.09 8.55
C MET D 20 -1.63 20.90 9.45
N THR D 21 -2.46 19.87 9.40
CA THR D 21 -2.40 18.76 10.34
C THR D 21 -1.83 17.48 9.67
N ALA E 1 6.02 -22.01 10.28
CA ALA E 1 6.00 -23.35 9.63
C ALA E 1 4.63 -23.99 9.67
N TYR E 2 4.39 -24.89 8.73
CA TYR E 2 3.26 -25.78 8.81
C TYR E 2 3.39 -26.72 10.02
N GLN E 3 2.28 -27.01 10.67
CA GLN E 3 2.27 -27.92 11.81
C GLN E 3 1.95 -29.35 11.41
N LEU E 4 2.51 -30.28 12.15
CA LEU E 4 2.16 -31.68 11.99
C LEU E 4 0.84 -31.96 12.72
N THR E 5 -0.28 -31.75 12.02
CA THR E 5 -1.59 -32.12 12.55
C THR E 5 -2.29 -33.01 11.53
N GLU E 6 -3.24 -33.80 12.00
CA GLU E 6 -4.02 -34.64 11.11
C GLU E 6 -4.73 -33.79 10.07
N GLU E 7 -5.22 -32.63 10.49
CA GLU E 7 -5.92 -31.70 9.58
C GLU E 7 -5.00 -31.18 8.49
N GLN E 8 -3.80 -30.77 8.87
CA GLN E 8 -2.86 -30.24 7.87
C GLN E 8 -2.41 -31.28 6.87
N ILE E 9 -2.24 -32.52 7.33
N ILE E 9 -2.27 -32.53 7.33
CA ILE E 9 -1.94 -33.62 6.43
CA ILE E 9 -1.93 -33.62 6.43
C ILE E 9 -3.07 -33.80 5.43
C ILE E 9 -3.07 -33.84 5.43
N ALA E 10 -4.32 -33.80 5.90
CA ALA E 10 -5.46 -33.97 4.99
C ALA E 10 -5.53 -32.82 3.99
N GLU E 11 -5.21 -31.61 4.45
CA GLU E 11 -5.17 -30.43 3.55
C GLU E 11 -4.13 -30.64 2.46
N PHE E 12 -2.95 -31.11 2.85
CA PHE E 12 -1.93 -31.37 1.86
C PHE E 12 -2.23 -32.55 0.91
N LYS E 13 -2.94 -33.56 1.40
CA LYS E 13 -3.41 -34.63 0.55
C LYS E 13 -4.33 -34.07 -0.54
N GLU E 14 -5.20 -33.16 -0.15
CA GLU E 14 -6.11 -32.51 -1.09
C GLU E 14 -5.31 -31.74 -2.15
N ALA E 15 -4.27 -31.02 -1.71
CA ALA E 15 -3.42 -30.26 -2.62
C ALA E 15 -2.67 -31.21 -3.59
N PHE E 16 -2.17 -32.31 -3.04
CA PHE E 16 -1.37 -33.25 -3.84
C PHE E 16 -2.26 -33.83 -4.93
N SER E 17 -3.49 -34.19 -4.57
N SER E 17 -3.48 -34.21 -4.57
CA SER E 17 -4.45 -34.80 -5.51
CA SER E 17 -4.43 -34.82 -5.50
C SER E 17 -4.82 -33.87 -6.65
C SER E 17 -4.84 -33.88 -6.63
N LEU E 18 -4.78 -32.56 -6.38
CA LEU E 18 -5.06 -31.57 -7.41
C LEU E 18 -4.16 -31.80 -8.59
N PHE E 19 -2.88 -32.01 -8.32
CA PHE E 19 -1.92 -32.24 -9.38
C PHE E 19 -1.91 -33.68 -9.84
N ASP E 20 -1.99 -34.62 -8.89
CA ASP E 20 -1.83 -36.04 -9.17
C ASP E 20 -3.18 -36.61 -9.67
N LYS E 21 -3.56 -36.22 -10.85
CA LYS E 21 -4.91 -36.48 -11.32
C LYS E 21 -5.15 -37.96 -11.63
N ASP E 22 -4.08 -38.72 -11.88
CA ASP E 22 -4.26 -40.16 -12.11
C ASP E 22 -4.16 -40.98 -10.81
N GLY E 23 -3.89 -40.30 -9.72
CA GLY E 23 -3.86 -40.91 -8.42
C GLY E 23 -2.74 -41.89 -8.18
N ASP E 24 -1.64 -41.83 -8.95
CA ASP E 24 -0.60 -42.86 -8.82
C ASP E 24 0.46 -42.54 -7.76
N GLY E 25 0.30 -41.43 -7.04
CA GLY E 25 1.23 -41.08 -5.98
C GLY E 25 2.45 -40.30 -6.42
N THR E 26 2.50 -39.93 -7.69
CA THR E 26 3.65 -39.20 -8.24
C THR E 26 3.06 -38.01 -9.00
N ILE E 27 3.73 -36.88 -8.93
CA ILE E 27 3.39 -35.71 -9.74
C ILE E 27 4.54 -35.55 -10.73
N THR E 28 4.19 -35.60 -12.00
CA THR E 28 5.12 -35.51 -13.11
C THR E 28 5.16 -34.09 -13.61
N THR E 29 6.13 -33.77 -14.48
CA THR E 29 6.20 -32.44 -15.09
C THR E 29 4.94 -32.16 -15.87
N LYS E 30 4.38 -33.19 -16.50
CA LYS E 30 3.13 -33.03 -17.25
C LYS E 30 1.97 -32.59 -16.37
N GLU E 31 1.87 -33.21 -15.21
CA GLU E 31 0.83 -32.91 -14.26
C GLU E 31 0.96 -31.49 -13.69
N LEU E 32 2.19 -31.10 -13.36
CA LEU E 32 2.44 -29.71 -12.97
C LEU E 32 2.03 -28.75 -14.09
N GLY E 33 2.52 -29.01 -15.30
CA GLY E 33 2.23 -28.15 -16.46
C GLY E 33 0.74 -27.99 -16.77
N THR E 34 0.02 -29.10 -16.65
CA THR E 34 -1.41 -29.14 -16.86
C THR E 34 -2.11 -28.07 -15.98
N VAL E 35 -1.84 -28.09 -14.68
CA VAL E 35 -2.42 -27.13 -13.76
C VAL E 35 -1.96 -25.72 -14.08
N MET E 36 -0.65 -25.54 -14.21
N MET E 36 -0.65 -25.52 -14.21
CA MET E 36 -0.08 -24.20 -14.42
CA MET E 36 -0.17 -24.16 -14.39
C MET E 36 -0.67 -23.57 -15.67
C MET E 36 -0.64 -23.55 -15.70
N ARG E 37 -0.76 -24.34 -16.75
CA ARG E 37 -1.32 -23.83 -17.99
C ARG E 37 -2.79 -23.49 -17.89
N SER E 38 -3.53 -24.23 -17.08
CA SER E 38 -4.95 -23.95 -16.87
C SER E 38 -5.15 -22.66 -16.08
N LEU E 39 -4.10 -22.20 -15.42
CA LEU E 39 -4.13 -20.91 -14.73
C LEU E 39 -3.63 -19.76 -15.61
N GLY E 40 -3.42 -20.02 -16.90
CA GLY E 40 -2.99 -18.95 -17.81
C GLY E 40 -1.48 -18.75 -17.89
N GLN E 41 -0.73 -19.68 -17.29
CA GLN E 41 0.72 -19.59 -17.28
C GLN E 41 1.30 -20.45 -18.39
N ASN E 42 2.59 -20.30 -18.64
N ASN E 42 2.59 -20.30 -18.64
N ASN E 42 2.59 -20.29 -18.68
CA ASN E 42 3.26 -21.06 -19.71
CA ASN E 42 3.29 -21.04 -19.70
CA ASN E 42 3.24 -21.11 -19.71
C ASN E 42 4.66 -21.53 -19.31
C ASN E 42 4.67 -21.49 -19.28
C ASN E 42 4.65 -21.52 -19.31
N PRO E 43 4.76 -22.34 -18.26
CA PRO E 43 6.07 -22.85 -17.83
C PRO E 43 6.68 -23.74 -18.90
N THR E 44 8.00 -23.67 -19.08
N THR E 44 8.00 -23.67 -19.08
CA THR E 44 8.68 -24.61 -19.98
CA THR E 44 8.69 -24.60 -19.97
C THR E 44 8.93 -25.92 -19.25
C THR E 44 8.93 -25.92 -19.25
N GLU E 45 9.21 -26.97 -20.00
CA GLU E 45 9.52 -28.27 -19.41
C GLU E 45 10.75 -28.20 -18.49
N ALA E 46 11.77 -27.45 -18.89
CA ALA E 46 12.97 -27.28 -18.08
C ALA E 46 12.68 -26.52 -16.78
N GLU E 47 11.78 -25.53 -16.85
CA GLU E 47 11.37 -24.78 -15.65
C GLU E 47 10.63 -25.67 -14.66
N LEU E 48 9.75 -26.52 -15.18
CA LEU E 48 9.06 -27.50 -14.35
C LEU E 48 10.02 -28.54 -13.76
N GLN E 49 10.98 -28.99 -14.55
CA GLN E 49 11.92 -29.98 -14.07
C GLN E 49 12.85 -29.37 -13.02
N ASP E 50 13.25 -28.13 -13.24
CA ASP E 50 14.02 -27.40 -12.24
C ASP E 50 13.28 -27.28 -10.88
N MET E 51 11.99 -26.98 -10.94
N MET E 51 11.98 -26.97 -10.93
CA MET E 51 11.15 -26.92 -9.74
CA MET E 51 11.15 -26.92 -9.71
C MET E 51 11.16 -28.26 -9.00
C MET E 51 11.19 -28.26 -9.00
N ILE E 52 11.01 -29.33 -9.75
CA ILE E 52 11.09 -30.68 -9.19
C ILE E 52 12.50 -30.93 -8.61
N ASN E 53 13.54 -30.62 -9.37
CA ASN E 53 14.89 -30.98 -8.94
C ASN E 53 15.29 -30.42 -7.58
N GLU E 54 14.80 -29.23 -7.25
CA GLU E 54 15.11 -28.60 -5.96
C GLU E 54 14.68 -29.43 -4.76
N VAL E 55 13.66 -30.26 -4.96
CA VAL E 55 13.14 -31.09 -3.87
C VAL E 55 13.18 -32.59 -4.17
N ASP E 56 13.84 -32.98 -5.25
CA ASP E 56 13.85 -34.37 -5.71
C ASP E 56 14.87 -35.21 -4.91
N ALA E 57 14.59 -35.41 -3.63
CA ALA E 57 15.52 -36.05 -2.72
C ALA E 57 15.78 -37.52 -3.05
N ASP E 58 14.86 -38.19 -3.74
CA ASP E 58 15.14 -39.58 -4.15
C ASP E 58 15.67 -39.70 -5.58
N GLY E 59 15.90 -38.58 -6.25
CA GLY E 59 16.61 -38.58 -7.52
C GLY E 59 15.86 -39.12 -8.73
N ASN E 60 14.55 -39.36 -8.61
CA ASN E 60 13.79 -40.02 -9.68
C ASN E 60 13.12 -39.08 -10.68
N GLY E 61 13.32 -37.78 -10.52
CA GLY E 61 12.81 -36.75 -11.45
C GLY E 61 11.35 -36.40 -11.37
N THR E 62 10.63 -36.99 -10.43
CA THR E 62 9.21 -36.67 -10.22
C THR E 62 9.01 -36.44 -8.73
N ILE E 63 7.83 -35.95 -8.39
CA ILE E 63 7.51 -35.52 -7.02
C ILE E 63 6.62 -36.53 -6.33
N ASP E 64 7.05 -37.00 -5.16
CA ASP E 64 6.15 -37.77 -4.29
C ASP E 64 5.74 -36.94 -3.07
N PHE E 65 4.94 -37.53 -2.17
CA PHE E 65 4.34 -36.73 -1.08
C PHE E 65 5.37 -36.05 -0.18
N PRO E 66 6.42 -36.75 0.30
CA PRO E 66 7.35 -35.98 1.15
C PRO E 66 8.09 -34.85 0.44
N GLU E 67 8.36 -35.05 -0.84
CA GLU E 67 9.00 -34.03 -1.65
C GLU E 67 8.07 -32.84 -1.87
N PHE E 68 6.80 -33.14 -2.10
CA PHE E 68 5.77 -32.10 -2.24
C PHE E 68 5.65 -31.28 -0.95
N LEU E 69 5.65 -31.97 0.19
CA LEU E 69 5.60 -31.27 1.49
C LEU E 69 6.85 -30.40 1.66
N THR E 70 7.99 -30.92 1.24
CA THR E 70 9.25 -30.18 1.33
C THR E 70 9.19 -28.90 0.49
N MET E 71 8.64 -29.01 -0.72
CA MET E 71 8.40 -27.85 -1.55
C MET E 71 7.55 -26.81 -0.83
N MET E 72 6.46 -27.25 -0.19
CA MET E 72 5.58 -26.33 0.57
C MET E 72 6.31 -25.65 1.73
N ALA E 73 7.09 -26.44 2.49
CA ALA E 73 7.79 -25.93 3.63
C ALA E 73 8.84 -24.91 3.17
N ARG E 74 9.54 -25.21 2.09
CA ARG E 74 10.60 -24.33 1.61
C ARG E 74 10.01 -22.99 1.14
N LYS E 75 8.90 -23.08 0.41
CA LYS E 75 8.24 -21.89 -0.10
C LYS E 75 7.77 -20.99 1.05
N MET E 76 7.18 -21.60 2.07
CA MET E 76 6.72 -20.86 3.23
C MET E 76 7.84 -20.13 3.93
N LYS E 77 8.95 -20.81 4.17
CA LYS E 77 10.08 -20.22 4.88
C LYS E 77 10.71 -19.04 4.11
N ASP E 78 10.71 -19.13 2.79
CA ASP E 78 11.42 -18.19 1.94
C ASP E 78 10.57 -17.02 1.43
N THR E 79 9.29 -16.98 1.80
N THR E 79 9.31 -16.96 1.84
CA THR E 79 8.39 -15.92 1.36
CA THR E 79 8.35 -15.96 1.37
C THR E 79 7.83 -15.15 2.55
C THR E 79 7.83 -15.16 2.56
N ASP E 80 7.87 -13.82 2.45
CA ASP E 80 7.28 -12.96 3.48
C ASP E 80 5.78 -12.76 3.18
N SER E 81 5.01 -12.43 4.22
CA SER E 81 3.54 -12.38 4.08
C SER E 81 3.03 -11.32 3.08
N GLU E 82 3.86 -10.32 2.79
N GLU E 82 3.87 -10.32 2.81
CA GLU E 82 3.52 -9.33 1.79
CA GLU E 82 3.57 -9.31 1.80
C GLU E 82 3.76 -9.85 0.38
C GLU E 82 3.77 -9.82 0.39
N GLU E 83 4.93 -10.43 0.14
CA GLU E 83 5.27 -10.94 -1.21
C GLU E 83 4.38 -12.13 -1.60
N GLU E 84 3.88 -12.82 -0.59
CA GLU E 84 2.78 -13.75 -0.71
C GLU E 84 1.57 -13.10 -1.40
N ILE E 85 1.22 -11.88 -1.01
CA ILE E 85 0.10 -11.16 -1.65
C ILE E 85 0.35 -10.79 -3.10
N ARG E 86 1.57 -10.35 -3.43
N ARG E 86 1.57 -10.38 -3.46
N ARG E 86 1.55 -10.31 -3.40
CA ARG E 86 1.96 -10.13 -4.83
CA ARG E 86 1.90 -10.17 -4.87
CA ARG E 86 1.87 -9.83 -4.74
C ARG E 86 1.75 -11.38 -5.66
C ARG E 86 1.77 -11.45 -5.68
C ARG E 86 2.17 -10.98 -5.67
N GLU E 87 2.33 -12.49 -5.24
N GLU E 87 2.38 -12.53 -5.19
N GLU E 87 2.23 -12.46 -5.29
CA GLU E 87 2.22 -13.72 -5.98
CA GLU E 87 2.29 -13.82 -5.88
CA GLU E 87 2.15 -13.73 -5.99
C GLU E 87 0.78 -14.17 -6.09
C GLU E 87 0.82 -14.24 -6.05
C GLU E 87 0.69 -14.19 -6.11
N ALA E 88 -0.01 -14.00 -5.03
CA ALA E 88 -1.43 -14.33 -5.07
C ALA E 88 -2.14 -13.56 -6.18
N PHE E 89 -1.88 -12.27 -6.24
CA PHE E 89 -2.48 -11.48 -7.30
C PHE E 89 -2.16 -12.06 -8.68
N ARG E 90 -0.89 -12.37 -8.88
CA ARG E 90 -0.43 -12.87 -10.16
C ARG E 90 -1.08 -14.20 -10.51
N VAL E 91 -1.32 -15.06 -9.53
CA VAL E 91 -2.00 -16.32 -9.82
C VAL E 91 -3.42 -16.07 -10.35
N PHE E 92 -4.19 -15.23 -9.66
CA PHE E 92 -5.56 -14.93 -10.08
C PHE E 92 -5.64 -14.13 -11.39
N ASP E 93 -4.69 -13.23 -11.60
CA ASP E 93 -4.64 -12.42 -12.82
C ASP E 93 -4.04 -13.28 -13.94
N LYS E 94 -4.87 -14.11 -14.54
CA LYS E 94 -4.37 -15.13 -15.46
C LYS E 94 -3.53 -14.55 -16.59
N ASP E 95 -4.03 -13.49 -17.21
CA ASP E 95 -3.38 -12.93 -18.39
C ASP E 95 -2.32 -11.85 -18.08
N GLY E 96 -2.13 -11.54 -16.78
CA GLY E 96 -1.08 -10.62 -16.36
C GLY E 96 -1.31 -9.17 -16.67
N ASN E 97 -2.55 -8.78 -17.02
CA ASN E 97 -2.83 -7.40 -17.44
C ASN E 97 -3.07 -6.42 -16.29
N GLY E 98 -3.02 -6.89 -15.06
CA GLY E 98 -3.20 -6.01 -13.91
C GLY E 98 -4.59 -5.88 -13.35
N TYR E 99 -5.53 -6.64 -13.92
CA TYR E 99 -6.94 -6.64 -13.53
C TYR E 99 -7.42 -8.09 -13.47
N ILE E 100 -8.06 -8.46 -12.38
CA ILE E 100 -8.65 -9.78 -12.25
C ILE E 100 -10.11 -9.68 -12.62
N SER E 101 -10.50 -10.37 -13.68
CA SER E 101 -11.91 -10.43 -14.07
C SER E 101 -12.66 -11.51 -13.29
N ALA E 102 -13.99 -11.44 -13.33
CA ALA E 102 -14.82 -12.47 -12.75
C ALA E 102 -14.45 -13.85 -13.33
N ALA E 103 -14.28 -13.89 -14.65
CA ALA E 103 -13.93 -15.12 -15.34
C ALA E 103 -12.59 -15.67 -14.84
N GLU E 104 -11.59 -14.80 -14.76
CA GLU E 104 -10.29 -15.24 -14.25
C GLU E 104 -10.41 -15.78 -12.83
N LEU E 105 -11.06 -15.01 -11.97
CA LEU E 105 -11.26 -15.40 -10.57
C LEU E 105 -11.89 -16.79 -10.47
N ARG E 106 -13.03 -16.97 -11.13
CA ARG E 106 -13.76 -18.23 -10.94
C ARG E 106 -13.00 -19.38 -11.54
N HIS E 107 -12.37 -19.16 -12.68
CA HIS E 107 -11.59 -20.18 -13.32
C HIS E 107 -10.43 -20.66 -12.46
N VAL E 108 -9.65 -19.71 -11.94
CA VAL E 108 -8.53 -20.07 -11.09
C VAL E 108 -9.02 -20.81 -9.83
N MET E 109 -10.11 -20.33 -9.22
CA MET E 109 -10.65 -20.99 -8.03
C MET E 109 -11.06 -22.45 -8.32
N THR E 110 -11.80 -22.66 -9.40
CA THR E 110 -12.20 -24.01 -9.80
C THR E 110 -10.97 -24.90 -10.06
N ASN E 111 -10.00 -24.37 -10.79
CA ASN E 111 -8.84 -25.16 -11.17
C ASN E 111 -7.77 -25.35 -10.11
N LEU E 112 -7.91 -24.65 -8.98
CA LEU E 112 -7.15 -24.96 -7.76
C LEU E 112 -7.92 -25.80 -6.72
N GLY E 113 -9.17 -26.13 -7.00
CA GLY E 113 -9.97 -27.04 -6.17
C GLY E 113 -10.97 -26.43 -5.21
N GLU E 114 -11.26 -25.14 -5.38
CA GLU E 114 -12.32 -24.50 -4.61
C GLU E 114 -13.19 -23.67 -5.51
N LYS E 115 -14.09 -24.34 -6.22
CA LYS E 115 -15.00 -23.68 -7.13
C LYS E 115 -15.92 -22.73 -6.37
N LEU E 116 -16.36 -21.69 -7.07
CA LEU E 116 -17.26 -20.70 -6.53
C LEU E 116 -18.64 -20.80 -7.19
N THR E 117 -19.68 -20.46 -6.45
CA THR E 117 -21.01 -20.37 -7.01
C THR E 117 -21.14 -19.04 -7.73
N ASP E 118 -22.15 -18.91 -8.60
CA ASP E 118 -22.43 -17.64 -9.25
C ASP E 118 -22.58 -16.51 -8.22
N GLU E 119 -23.30 -16.80 -7.15
N GLU E 119 -23.31 -16.79 -7.14
CA GLU E 119 -23.56 -15.82 -6.12
CA GLU E 119 -23.55 -15.79 -6.11
C GLU E 119 -22.28 -15.41 -5.39
C GLU E 119 -22.23 -15.38 -5.46
N GLU E 120 -21.36 -16.36 -5.19
CA GLU E 120 -20.11 -16.08 -4.51
C GLU E 120 -19.18 -15.19 -5.35
N VAL E 121 -19.14 -15.45 -6.64
CA VAL E 121 -18.32 -14.67 -7.57
C VAL E 121 -18.84 -13.23 -7.61
N ASP E 122 -20.14 -13.10 -7.79
CA ASP E 122 -20.76 -11.77 -7.88
C ASP E 122 -20.51 -10.93 -6.63
N GLU E 123 -20.64 -11.56 -5.47
CA GLU E 123 -20.41 -10.89 -4.20
C GLU E 123 -18.96 -10.45 -4.06
N MET E 124 -18.05 -11.38 -4.33
CA MET E 124 -16.65 -11.07 -4.20
C MET E 124 -16.26 -9.91 -5.11
N ILE E 125 -16.66 -9.99 -6.37
CA ILE E 125 -16.33 -8.89 -7.30
C ILE E 125 -17.00 -7.59 -6.87
N ARG E 126 -18.28 -7.63 -6.50
CA ARG E 126 -19.00 -6.42 -6.09
C ARG E 126 -18.33 -5.75 -4.90
N GLU E 127 -17.92 -6.54 -3.92
CA GLU E 127 -17.35 -6.00 -2.68
C GLU E 127 -15.91 -5.53 -2.82
N ALA E 128 -15.16 -6.19 -3.69
CA ALA E 128 -13.76 -5.86 -3.93
C ALA E 128 -13.57 -4.76 -4.98
N ASP E 129 -14.48 -4.67 -5.96
CA ASP E 129 -14.34 -3.74 -7.08
C ASP E 129 -14.76 -2.33 -6.65
N ILE E 130 -13.88 -1.66 -5.91
N ILE E 130 -13.89 -1.66 -5.89
CA ILE E 130 -14.17 -0.37 -5.30
CA ILE E 130 -14.23 -0.38 -5.28
C ILE E 130 -14.45 0.68 -6.35
C ILE E 130 -14.39 0.75 -6.30
N ASP E 131 -13.62 0.72 -7.39
CA ASP E 131 -13.73 1.76 -8.42
C ASP E 131 -14.79 1.46 -9.50
N GLY E 132 -15.47 0.33 -9.37
CA GLY E 132 -16.62 0.03 -10.20
C GLY E 132 -16.36 -0.23 -11.66
N ASP E 133 -15.13 -0.58 -12.03
CA ASP E 133 -14.81 -0.88 -13.44
C ASP E 133 -15.06 -2.35 -13.82
N GLY E 134 -15.59 -3.13 -12.88
CA GLY E 134 -15.98 -4.51 -13.11
C GLY E 134 -14.94 -5.57 -12.78
N GLN E 135 -13.72 -5.12 -12.50
CA GLN E 135 -12.61 -6.00 -12.24
C GLN E 135 -11.89 -5.56 -10.99
N VAL E 136 -11.03 -6.45 -10.50
CA VAL E 136 -10.28 -6.21 -9.28
C VAL E 136 -8.83 -5.97 -9.64
N ASN E 137 -8.37 -4.73 -9.49
CA ASN E 137 -6.99 -4.39 -9.77
C ASN E 137 -6.08 -4.75 -8.58
N TYR E 138 -4.80 -4.47 -8.68
CA TYR E 138 -3.86 -4.89 -7.64
C TYR E 138 -4.22 -4.28 -6.27
N GLU E 139 -4.48 -2.99 -6.28
CA GLU E 139 -4.76 -2.27 -5.04
C GLU E 139 -6.03 -2.81 -4.38
N GLU E 140 -7.05 -3.06 -5.19
CA GLU E 140 -8.30 -3.62 -4.69
C GLU E 140 -8.08 -5.05 -4.18
N PHE E 141 -7.23 -5.82 -4.84
CA PHE E 141 -6.95 -7.17 -4.37
C PHE E 141 -6.21 -7.16 -3.03
N VAL E 142 -5.22 -6.29 -2.88
CA VAL E 142 -4.50 -6.18 -1.61
C VAL E 142 -5.50 -5.83 -0.47
N GLN E 143 -6.38 -4.87 -0.75
CA GLN E 143 -7.39 -4.50 0.23
C GLN E 143 -8.30 -5.70 0.54
N MET E 144 -8.74 -6.42 -0.49
CA MET E 144 -9.62 -7.57 -0.29
C MET E 144 -8.97 -8.60 0.63
N MET E 145 -7.67 -8.80 0.47
CA MET E 145 -6.95 -9.86 1.16
C MET E 145 -6.48 -9.44 2.55
N THR E 146 -6.65 -8.15 2.88
CA THR E 146 -6.26 -7.62 4.18
C THR E 146 -7.31 -7.99 5.21
N ALA E 147 -6.87 -8.52 6.36
CA ALA E 147 -7.76 -8.90 7.46
C ALA E 147 -7.05 -8.73 8.79
N ARG F 2 -15.92 -12.09 6.61
CA ARG F 2 -15.31 -12.77 5.42
C ARG F 2 -16.41 -13.33 4.55
N ASN F 3 -16.45 -12.94 3.27
CA ASN F 3 -17.43 -13.55 2.37
C ASN F 3 -17.02 -14.99 2.08
N LYS F 4 -17.95 -15.76 1.52
CA LYS F 4 -17.68 -17.18 1.26
C LYS F 4 -16.53 -17.40 0.27
N ALA F 5 -16.42 -16.56 -0.76
CA ALA F 5 -15.32 -16.67 -1.71
C ALA F 5 -13.95 -16.45 -1.03
N LEU F 6 -13.86 -15.46 -0.17
CA LEU F 6 -12.63 -15.23 0.55
C LEU F 6 -12.30 -16.42 1.49
N LYS F 7 -13.31 -16.98 2.15
CA LYS F 7 -13.06 -18.17 2.97
C LYS F 7 -12.45 -19.29 2.11
N LYS F 8 -12.93 -19.42 0.87
CA LYS F 8 -12.38 -20.44 -0.02
C LYS F 8 -10.91 -20.14 -0.44
N ILE F 9 -10.59 -18.89 -0.66
CA ILE F 9 -9.22 -18.48 -0.92
C ILE F 9 -8.36 -18.88 0.27
N ARG F 10 -8.83 -18.62 1.48
CA ARG F 10 -8.07 -18.99 2.68
C ARG F 10 -7.82 -20.49 2.73
N LYS F 11 -8.79 -21.29 2.29
CA LYS F 11 -8.61 -22.74 2.27
C LYS F 11 -7.45 -23.12 1.33
N LEU F 12 -7.40 -22.50 0.15
CA LEU F 12 -6.30 -22.73 -0.80
C LEU F 12 -4.93 -22.35 -0.24
N GLN F 13 -4.89 -21.26 0.52
CA GLN F 13 -3.66 -20.81 1.18
C GLN F 13 -3.24 -21.78 2.28
N LYS F 14 -4.19 -22.31 3.03
CA LYS F 14 -3.91 -23.36 4.05
C LYS F 14 -3.26 -24.61 3.45
N ARG F 15 -3.61 -24.92 2.21
CA ARG F 15 -3.07 -26.07 1.51
C ARG F 15 -1.84 -25.74 0.69
N GLY F 16 -1.40 -24.47 0.70
CA GLY F 16 -0.20 -24.05 0.00
C GLY F 16 -0.30 -23.90 -1.49
N LEU F 17 -1.52 -23.93 -2.04
CA LEU F 17 -1.70 -23.98 -3.48
C LEU F 17 -1.48 -22.65 -4.19
N ILE F 18 -1.84 -21.55 -3.53
N ILE F 18 -1.84 -21.54 -3.55
CA ILE F 18 -1.59 -20.22 -4.09
CA ILE F 18 -1.68 -20.25 -4.20
C ILE F 18 -0.08 -20.00 -4.20
C ILE F 18 -0.20 -19.89 -4.30
N GLN F 19 0.62 -20.12 -3.08
N GLN F 19 0.59 -20.12 -3.25
CA GLN F 19 2.07 -19.97 -3.07
CA GLN F 19 2.02 -19.84 -3.34
C GLN F 19 2.75 -20.86 -4.14
C GLN F 19 2.77 -20.86 -4.20
N MET F 20 2.28 -22.09 -4.27
CA MET F 20 2.92 -23.06 -5.14
C MET F 20 2.82 -22.67 -6.62
N THR F 21 1.68 -22.08 -6.99
CA THR F 21 1.42 -21.75 -8.38
C THR F 21 1.65 -20.26 -8.67
N ALA G 1 -6.05 18.41 -16.63
CA ALA G 1 -5.73 18.47 -18.08
C ALA G 1 -4.35 19.11 -18.32
N TYR G 2 -3.79 18.86 -19.50
CA TYR G 2 -2.58 19.54 -19.92
C TYR G 2 -2.89 21.02 -20.11
N GLN G 3 -1.98 21.88 -19.70
CA GLN G 3 -2.11 23.33 -19.95
C GLN G 3 -1.47 23.66 -21.28
N LEU G 4 -2.07 24.57 -22.02
CA LEU G 4 -1.44 25.14 -23.21
C LEU G 4 -0.39 26.15 -22.78
N THR G 5 0.76 25.67 -22.38
CA THR G 5 1.88 26.53 -22.14
C THR G 5 2.84 26.32 -23.29
N GLU G 6 3.67 27.32 -23.53
CA GLU G 6 4.75 27.21 -24.49
C GLU G 6 5.56 25.96 -24.23
N GLU G 7 5.86 25.69 -22.97
N GLU G 7 5.81 25.69 -22.96
CA GLU G 7 6.64 24.53 -22.56
CA GLU G 7 6.62 24.58 -22.53
C GLU G 7 5.94 23.22 -22.92
C GLU G 7 5.95 23.24 -22.87
N GLN G 8 4.65 23.12 -22.57
CA GLN G 8 3.90 21.90 -22.86
C GLN G 8 3.77 21.60 -24.36
N ILE G 9 3.58 22.65 -25.16
CA ILE G 9 3.56 22.46 -26.61
C ILE G 9 4.92 21.94 -27.08
N ALA G 10 6.02 22.49 -26.56
CA ALA G 10 7.37 22.05 -26.94
C ALA G 10 7.60 20.56 -26.56
N GLU G 11 7.09 20.16 -25.39
CA GLU G 11 7.19 18.76 -24.98
C GLU G 11 6.37 17.85 -25.90
N PHE G 12 5.16 18.25 -26.28
CA PHE G 12 4.42 17.46 -27.24
C PHE G 12 5.08 17.38 -28.61
N LYS G 13 5.72 18.45 -29.03
CA LYS G 13 6.49 18.46 -30.26
C LYS G 13 7.65 17.44 -30.19
N GLU G 14 8.31 17.33 -29.05
CA GLU G 14 9.36 16.33 -28.87
C GLU G 14 8.74 14.90 -28.94
N ALA G 15 7.58 14.71 -28.32
CA ALA G 15 6.88 13.42 -28.38
C ALA G 15 6.53 13.06 -29.82
N PHE G 16 6.00 14.04 -30.54
CA PHE G 16 5.62 13.83 -31.93
C PHE G 16 6.83 13.43 -32.76
N SER G 17 7.93 14.15 -32.55
CA SER G 17 9.17 13.86 -33.23
C SER G 17 9.73 12.47 -32.98
N LEU G 18 9.49 11.90 -31.81
CA LEU G 18 9.90 10.52 -31.55
C LEU G 18 9.33 9.60 -32.60
N PHE G 19 8.06 9.79 -32.93
CA PHE G 19 7.42 8.96 -33.92
C PHE G 19 7.73 9.39 -35.34
N ASP G 20 7.71 10.71 -35.58
CA ASP G 20 7.87 11.27 -36.93
C ASP G 20 9.35 11.37 -37.29
N LYS G 21 9.92 10.23 -37.58
CA LYS G 21 11.38 10.11 -37.71
C LYS G 21 11.90 10.68 -39.04
N ASP G 22 11.08 10.68 -40.08
CA ASP G 22 11.42 11.43 -41.31
C ASP G 22 11.08 12.94 -41.28
N GLY G 23 10.49 13.41 -40.19
CA GLY G 23 10.25 14.83 -39.98
C GLY G 23 9.29 15.45 -40.99
N ASP G 24 8.38 14.67 -41.54
CA ASP G 24 7.49 15.19 -42.58
C ASP G 24 6.14 15.69 -42.06
N GLY G 25 5.98 15.77 -40.75
CA GLY G 25 4.79 16.34 -40.15
C GLY G 25 3.64 15.39 -39.96
N THR G 26 3.80 14.12 -40.35
CA THR G 26 2.76 13.13 -40.12
C THR G 26 3.35 11.83 -39.58
N ILE G 27 2.57 11.15 -38.75
CA ILE G 27 2.94 9.84 -38.25
C ILE G 27 2.15 8.77 -39.00
N THR G 28 2.87 7.87 -39.64
CA THR G 28 2.26 6.76 -40.36
C THR G 28 2.10 5.53 -39.44
N THR G 29 1.37 4.53 -39.92
CA THR G 29 1.28 3.26 -39.19
C THR G 29 2.68 2.64 -39.05
N LYS G 30 3.51 2.76 -40.07
CA LYS G 30 4.88 2.27 -40.01
C LYS G 30 5.67 2.95 -38.90
N GLU G 31 5.52 4.26 -38.76
CA GLU G 31 6.22 5.00 -37.74
C GLU G 31 5.72 4.65 -36.32
N LEU G 32 4.40 4.53 -36.16
N LEU G 32 4.40 4.48 -36.20
CA LEU G 32 3.83 4.04 -34.90
CA LEU G 32 3.81 4.07 -34.95
C LEU G 32 4.41 2.68 -34.57
C LEU G 32 4.27 2.67 -34.55
N GLY G 33 4.28 1.75 -35.51
CA GLY G 33 4.72 0.39 -35.26
C GLY G 33 6.20 0.29 -34.91
N THR G 34 7.02 1.10 -35.57
CA THR G 34 8.46 1.12 -35.33
C THR G 34 8.75 1.41 -33.86
N VAL G 35 8.11 2.45 -33.33
CA VAL G 35 8.29 2.77 -31.93
C VAL G 35 7.75 1.67 -31.02
N MET G 36 6.52 1.22 -31.28
N MET G 36 6.53 1.20 -31.26
CA MET G 36 5.92 0.17 -30.47
CA MET G 36 5.97 0.18 -30.39
C MET G 36 6.79 -1.08 -30.46
C MET G 36 6.75 -1.13 -30.46
N ARG G 37 7.28 -1.47 -31.63
CA ARG G 37 8.18 -2.64 -31.72
C ARG G 37 9.50 -2.46 -30.97
N SER G 38 10.05 -1.24 -30.97
CA SER G 38 11.27 -0.98 -30.23
C SER G 38 11.08 -1.15 -28.73
N LEU G 39 9.84 -1.09 -28.25
CA LEU G 39 9.52 -1.33 -26.85
C LEU G 39 9.20 -2.78 -26.54
N GLY G 40 9.46 -3.67 -27.50
CA GLY G 40 9.15 -5.08 -27.35
C GLY G 40 7.71 -5.48 -27.54
N GLN G 41 6.89 -4.62 -28.15
CA GLN G 41 5.48 -4.90 -28.42
C GLN G 41 5.35 -5.37 -29.88
N ASN G 42 4.20 -5.99 -30.22
CA ASN G 42 3.98 -6.48 -31.56
C ASN G 42 2.57 -6.15 -32.07
N PRO G 43 2.25 -4.84 -32.20
CA PRO G 43 0.91 -4.48 -32.71
C PRO G 43 0.68 -4.99 -34.14
N THR G 44 -0.55 -5.41 -34.45
CA THR G 44 -0.87 -5.77 -35.82
C THR G 44 -1.12 -4.49 -36.64
N GLU G 45 -1.08 -4.62 -37.96
N GLU G 45 -1.11 -4.62 -37.96
CA GLU G 45 -1.40 -3.52 -38.87
CA GLU G 45 -1.37 -3.48 -38.82
C GLU G 45 -2.78 -2.96 -38.55
C GLU G 45 -2.80 -2.95 -38.67
N ALA G 46 -3.75 -3.83 -38.35
CA ALA G 46 -5.11 -3.40 -38.04
C ALA G 46 -5.17 -2.58 -36.75
N GLU G 47 -4.46 -3.02 -35.71
CA GLU G 47 -4.44 -2.30 -34.44
C GLU G 47 -3.78 -0.93 -34.59
N LEU G 48 -2.76 -0.83 -35.42
CA LEU G 48 -2.13 0.46 -35.67
C LEU G 48 -3.10 1.40 -36.41
N GLN G 49 -3.77 0.87 -37.44
CA GLN G 49 -4.72 1.67 -38.19
C GLN G 49 -5.89 2.11 -37.30
N ASP G 50 -6.32 1.26 -36.38
CA ASP G 50 -7.40 1.64 -35.47
C ASP G 50 -6.96 2.82 -34.59
N MET G 51 -5.71 2.81 -34.11
CA MET G 51 -5.19 3.92 -33.32
C MET G 51 -5.29 5.23 -34.08
N ILE G 52 -4.90 5.20 -35.37
CA ILE G 52 -4.96 6.40 -36.20
C ILE G 52 -6.42 6.80 -36.43
N ASN G 53 -7.29 5.83 -36.70
CA ASN G 53 -8.70 6.09 -37.00
C ASN G 53 -9.45 6.75 -35.86
N GLU G 54 -9.03 6.49 -34.62
CA GLU G 54 -9.61 7.17 -33.48
C GLU G 54 -9.56 8.69 -33.60
N VAL G 55 -8.53 9.23 -34.27
CA VAL G 55 -8.38 10.69 -34.31
C VAL G 55 -8.28 11.29 -35.70
N ASP G 56 -8.26 10.46 -36.74
CA ASP G 56 -8.01 10.96 -38.07
C ASP G 56 -9.13 11.93 -38.54
N ALA G 57 -8.78 13.19 -38.79
CA ALA G 57 -9.74 14.24 -39.06
C ALA G 57 -9.60 14.85 -40.46
N ASP G 58 -8.64 14.40 -41.24
CA ASP G 58 -8.56 14.79 -42.64
C ASP G 58 -8.50 13.57 -43.55
N GLY G 59 -8.92 12.44 -43.01
CA GLY G 59 -9.13 11.22 -43.79
C GLY G 59 -7.96 10.69 -44.58
N ASN G 60 -6.72 10.96 -44.13
CA ASN G 60 -5.58 10.53 -44.89
C ASN G 60 -4.87 9.30 -44.31
N GLY G 61 -5.43 8.74 -43.24
CA GLY G 61 -4.85 7.58 -42.60
C GLY G 61 -3.50 7.77 -41.90
N THR G 62 -3.10 9.01 -41.62
CA THR G 62 -1.92 9.32 -40.85
C THR G 62 -2.29 10.32 -39.76
N ILE G 63 -1.40 10.49 -38.79
CA ILE G 63 -1.64 11.39 -37.67
C ILE G 63 -0.81 12.67 -37.82
N ASP G 64 -1.47 13.81 -37.84
CA ASP G 64 -0.80 15.11 -37.81
C ASP G 64 -0.81 15.68 -36.40
N PHE G 65 -0.22 16.86 -36.23
CA PHE G 65 -0.07 17.38 -34.87
C PHE G 65 -1.39 17.65 -34.12
N PRO G 66 -2.38 18.33 -34.74
CA PRO G 66 -3.66 18.50 -33.99
C PRO G 66 -4.31 17.16 -33.62
N GLU G 67 -4.23 16.18 -34.52
CA GLU G 67 -4.76 14.83 -34.24
C GLU G 67 -4.03 14.15 -33.06
N PHE G 68 -2.71 14.22 -33.06
CA PHE G 68 -1.88 13.78 -31.95
C PHE G 68 -2.23 14.44 -30.63
N LEU G 69 -2.42 15.77 -30.63
CA LEU G 69 -2.84 16.46 -29.41
C LEU G 69 -4.21 16.00 -28.95
N THR G 70 -5.13 15.83 -29.90
CA THR G 70 -6.46 15.32 -29.59
C THR G 70 -6.34 13.93 -28.91
N MET G 71 -5.50 13.06 -29.46
CA MET G 71 -5.22 11.75 -28.86
C MET G 71 -4.70 11.90 -27.41
N MET G 72 -3.73 12.78 -27.22
CA MET G 72 -3.18 13.02 -25.87
C MET G 72 -4.25 13.51 -24.88
N ALA G 73 -5.02 14.51 -25.29
CA ALA G 73 -6.11 15.02 -24.45
C ALA G 73 -7.07 13.92 -24.02
N ARG G 74 -7.50 13.11 -24.99
CA ARG G 74 -8.45 12.04 -24.74
C ARG G 74 -7.89 11.01 -23.77
N LYS G 75 -6.63 10.63 -23.98
CA LYS G 75 -5.99 9.69 -23.06
C LYS G 75 -5.93 10.22 -21.64
N MET G 76 -5.64 11.51 -21.46
CA MET G 76 -5.51 12.04 -20.10
C MET G 76 -6.86 12.14 -19.40
N LYS G 77 -7.89 12.55 -20.14
CA LYS G 77 -9.19 12.71 -19.51
C LYS G 77 -9.76 11.36 -19.05
N ASP G 78 -9.44 10.29 -19.78
CA ASP G 78 -10.04 8.99 -19.56
C ASP G 78 -9.23 7.99 -18.73
N THR G 79 -8.27 8.47 -17.92
CA THR G 79 -7.44 7.57 -17.11
C THR G 79 -7.22 8.09 -15.68
N ASP G 80 -7.45 7.25 -14.68
CA ASP G 80 -7.18 7.59 -13.28
C ASP G 80 -5.76 7.14 -12.85
N SER G 81 -5.37 7.43 -11.61
N SER G 81 -5.38 7.45 -11.62
CA SER G 81 -3.97 7.24 -11.19
CA SER G 81 -4.01 7.25 -11.14
C SER G 81 -3.52 5.77 -11.19
C SER G 81 -3.54 5.79 -11.19
N GLU G 82 -4.36 4.88 -10.68
CA GLU G 82 -4.03 3.45 -10.66
C GLU G 82 -3.95 2.82 -12.05
N GLU G 83 -4.83 3.25 -12.96
CA GLU G 83 -4.77 2.83 -14.38
C GLU G 83 -3.47 3.28 -15.04
N GLU G 84 -3.12 4.55 -14.85
CA GLU G 84 -1.88 5.08 -15.39
C GLU G 84 -0.64 4.35 -14.89
N ILE G 85 -0.60 4.05 -13.60
CA ILE G 85 0.60 3.44 -13.05
C ILE G 85 0.75 1.99 -13.53
N ARG G 86 -0.36 1.28 -13.63
CA ARG G 86 -0.32 -0.08 -14.16
C ARG G 86 0.03 -0.09 -15.66
N GLU G 87 -0.47 0.89 -16.42
CA GLU G 87 -0.08 0.97 -17.82
C GLU G 87 1.41 1.29 -17.96
N ALA G 88 1.92 2.21 -17.14
CA ALA G 88 3.34 2.49 -17.12
C ALA G 88 4.15 1.22 -16.81
N PHE G 89 3.71 0.46 -15.83
CA PHE G 89 4.38 -0.81 -15.52
C PHE G 89 4.44 -1.73 -16.73
N ARG G 90 3.30 -1.88 -17.40
N ARG G 90 3.30 -1.88 -17.41
CA ARG G 90 3.23 -2.70 -18.61
CA ARG G 90 3.24 -2.72 -18.60
C ARG G 90 4.21 -2.27 -19.70
C ARG G 90 4.18 -2.27 -19.72
N VAL G 91 4.35 -0.97 -19.90
CA VAL G 91 5.27 -0.44 -20.92
C VAL G 91 6.73 -0.82 -20.60
N PHE G 92 7.12 -0.65 -19.35
CA PHE G 92 8.48 -0.96 -18.94
C PHE G 92 8.78 -2.46 -18.91
N ASP G 93 7.82 -3.24 -18.43
CA ASP G 93 7.96 -4.69 -18.35
C ASP G 93 7.82 -5.32 -19.73
N LYS G 94 8.84 -5.19 -20.57
CA LYS G 94 8.78 -5.56 -21.99
C LYS G 94 8.32 -6.98 -22.23
N ASP G 95 8.82 -7.92 -21.43
CA ASP G 95 8.51 -9.33 -21.66
C ASP G 95 7.26 -9.79 -20.90
N GLY G 96 6.67 -8.90 -20.10
CA GLY G 96 5.44 -9.22 -19.40
C GLY G 96 5.54 -10.24 -18.28
N ASN G 97 6.72 -10.45 -17.71
CA ASN G 97 6.92 -11.44 -16.64
C ASN G 97 6.68 -10.89 -15.24
N GLY G 98 6.20 -9.65 -15.14
CA GLY G 98 5.78 -9.10 -13.85
C GLY G 98 6.90 -8.44 -13.10
N TYR G 99 8.07 -8.30 -13.74
CA TYR G 99 9.22 -7.63 -13.14
C TYR G 99 9.83 -6.76 -14.20
N ILE G 100 10.24 -5.54 -13.83
CA ILE G 100 11.06 -4.73 -14.70
C ILE G 100 12.52 -5.00 -14.37
N SER G 101 13.26 -5.52 -15.35
CA SER G 101 14.69 -5.73 -15.19
C SER G 101 15.48 -4.44 -15.42
N ALA G 102 16.74 -4.43 -15.02
CA ALA G 102 17.61 -3.27 -15.27
C ALA G 102 17.74 -3.04 -16.78
N ALA G 103 17.81 -4.13 -17.54
CA ALA G 103 17.92 -4.01 -19.00
C ALA G 103 16.65 -3.42 -19.62
N GLU G 104 15.49 -3.88 -19.14
CA GLU G 104 14.20 -3.37 -19.60
C GLU G 104 14.09 -1.89 -19.33
N LEU G 105 14.45 -1.47 -18.12
CA LEU G 105 14.44 -0.05 -17.79
C LEU G 105 15.30 0.76 -18.77
N ARG G 106 16.54 0.33 -18.93
N ARG G 106 16.54 0.33 -18.95
CA ARG G 106 17.48 0.98 -19.87
CA ARG G 106 17.45 1.02 -19.85
C ARG G 106 16.86 1.08 -21.26
C ARG G 106 16.90 1.08 -21.28
N HIS G 107 16.38 -0.04 -21.77
CA HIS G 107 15.89 -0.09 -23.14
C HIS G 107 14.68 0.78 -23.39
N VAL G 108 13.70 0.73 -22.49
CA VAL G 108 12.49 1.50 -22.67
C VAL G 108 12.78 2.99 -22.55
N MET G 109 13.66 3.37 -21.63
CA MET G 109 13.98 4.80 -21.46
C MET G 109 14.62 5.34 -22.74
N THR G 110 15.63 4.65 -23.26
CA THR G 110 16.25 5.20 -24.49
C THR G 110 15.31 5.19 -25.72
N ASN G 111 14.52 4.15 -25.89
CA ASN G 111 13.55 4.09 -26.99
C ASN G 111 12.39 5.11 -26.89
N LEU G 112 12.11 5.60 -25.70
CA LEU G 112 11.13 6.69 -25.53
C LEU G 112 11.78 8.06 -25.52
N GLY G 113 13.11 8.11 -25.66
CA GLY G 113 13.82 9.38 -25.91
C GLY G 113 14.55 9.99 -24.74
N GLU G 114 14.73 9.25 -23.65
CA GLU G 114 15.40 9.76 -22.46
C GLU G 114 16.30 8.67 -21.90
N LYS G 115 17.36 8.39 -22.65
CA LYS G 115 18.31 7.34 -22.25
C LYS G 115 18.90 7.60 -20.88
N LEU G 116 19.20 6.51 -20.21
CA LEU G 116 19.85 6.54 -18.90
C LEU G 116 21.31 6.10 -19.01
N THR G 117 22.16 6.70 -18.17
CA THR G 117 23.55 6.26 -18.01
C THR G 117 23.55 5.01 -17.13
N ASP G 118 24.67 4.29 -17.12
CA ASP G 118 24.82 3.10 -16.26
C ASP G 118 24.55 3.44 -14.81
N GLU G 119 25.16 4.52 -14.33
N GLU G 119 25.15 4.52 -14.33
N GLU G 119 25.18 4.53 -14.36
CA GLU G 119 24.98 4.96 -12.95
CA GLU G 119 24.96 4.94 -12.95
CA GLU G 119 25.03 5.03 -13.02
C GLU G 119 23.50 5.22 -12.66
C GLU G 119 23.49 5.24 -12.64
C GLU G 119 23.55 5.29 -12.66
N GLU G 120 22.80 5.88 -13.59
CA GLU G 120 21.36 6.19 -13.39
C GLU G 120 20.50 4.94 -13.34
N VAL G 121 20.83 3.96 -14.19
CA VAL G 121 20.12 2.70 -14.18
C VAL G 121 20.35 2.00 -12.85
N ASP G 122 21.63 1.86 -12.48
CA ASP G 122 22.00 1.18 -11.25
C ASP G 122 21.35 1.82 -10.02
N GLU G 123 21.41 3.15 -9.94
CA GLU G 123 20.82 3.91 -8.82
C GLU G 123 19.31 3.68 -8.74
N MET G 124 18.61 3.78 -9.87
CA MET G 124 17.16 3.67 -9.87
C MET G 124 16.76 2.26 -9.43
N ILE G 125 17.43 1.26 -10.00
CA ILE G 125 17.09 -0.10 -9.67
C ILE G 125 17.37 -0.36 -8.19
N ARG G 126 18.55 0.06 -7.72
CA ARG G 126 18.93 -0.17 -6.32
C ARG G 126 17.94 0.46 -5.34
N GLU G 127 17.59 1.73 -5.58
CA GLU G 127 16.66 2.43 -4.69
C GLU G 127 15.20 1.93 -4.75
N ALA G 128 14.82 1.36 -5.88
CA ALA G 128 13.48 0.80 -6.04
C ALA G 128 13.39 -0.64 -5.58
N ASP G 129 14.50 -1.35 -5.60
CA ASP G 129 14.49 -2.79 -5.37
C ASP G 129 14.49 -3.11 -3.88
N ILE G 130 13.33 -3.00 -3.24
CA ILE G 130 13.24 -3.18 -1.78
C ILE G 130 13.61 -4.59 -1.31
N ASP G 131 13.13 -5.61 -2.02
CA ASP G 131 13.40 -7.00 -1.66
C ASP G 131 14.73 -7.56 -2.18
N GLY G 132 15.50 -6.73 -2.88
CA GLY G 132 16.87 -7.08 -3.23
C GLY G 132 17.05 -8.21 -4.25
N ASP G 133 16.00 -8.51 -5.04
CA ASP G 133 16.10 -9.56 -6.07
C ASP G 133 16.67 -9.06 -7.41
N GLY G 134 17.06 -7.79 -7.47
CA GLY G 134 17.69 -7.23 -8.67
C GLY G 134 16.75 -6.57 -9.65
N GLN G 135 15.46 -6.63 -9.39
CA GLN G 135 14.47 -6.12 -10.34
C GLN G 135 13.27 -5.49 -9.62
N VAL G 136 12.39 -4.88 -10.40
CA VAL G 136 11.32 -4.05 -9.84
C VAL G 136 9.97 -4.68 -10.12
N ASN G 137 9.30 -5.16 -9.06
CA ASN G 137 7.94 -5.66 -9.15
C ASN G 137 6.93 -4.50 -9.16
N TYR G 138 5.63 -4.82 -9.26
CA TYR G 138 4.63 -3.75 -9.36
C TYR G 138 4.62 -2.84 -8.13
N GLU G 139 4.61 -3.42 -6.93
CA GLU G 139 4.56 -2.59 -5.73
C GLU G 139 5.79 -1.69 -5.58
N GLU G 140 6.96 -2.23 -5.90
CA GLU G 140 8.19 -1.44 -5.92
C GLU G 140 8.11 -0.31 -6.96
N PHE G 141 7.55 -0.60 -8.12
CA PHE G 141 7.34 0.40 -9.15
C PHE G 141 6.42 1.53 -8.67
N VAL G 142 5.32 1.15 -8.04
CA VAL G 142 4.40 2.15 -7.46
C VAL G 142 5.13 3.07 -6.48
N GLN G 143 5.88 2.46 -5.55
CA GLN G 143 6.64 3.23 -4.56
C GLN G 143 7.70 4.11 -5.22
N MET G 144 8.34 3.57 -6.27
CA MET G 144 9.33 4.34 -7.03
C MET G 144 8.69 5.58 -7.63
N MET G 145 7.48 5.43 -8.15
CA MET G 145 6.85 6.48 -8.92
C MET G 145 6.07 7.50 -8.07
N THR G 146 5.92 7.28 -6.77
CA THR G 146 5.20 8.21 -5.91
C THR G 146 6.12 9.02 -5.00
N ARG H 2 15.00 14.40 -7.65
CA ARG H 2 15.96 13.27 -7.81
C ARG H 2 15.25 11.98 -7.43
N ASN H 3 15.73 10.82 -7.88
CA ASN H 3 16.96 10.64 -8.66
C ASN H 3 16.87 11.09 -10.12
N LYS H 4 18.01 11.10 -10.79
CA LYS H 4 18.09 11.59 -12.17
C LYS H 4 17.21 10.78 -13.11
N ALA H 5 17.19 9.47 -12.93
CA ALA H 5 16.33 8.62 -13.74
C ALA H 5 14.83 8.96 -13.60
N LEU H 6 14.36 9.19 -12.38
CA LEU H 6 12.97 9.54 -12.14
C LEU H 6 12.60 10.87 -12.81
N LYS H 7 13.50 11.85 -12.75
CA LYS H 7 13.32 13.12 -13.48
C LYS H 7 13.13 12.92 -15.00
N LYS H 8 13.88 12.00 -15.57
CA LYS H 8 13.70 11.67 -16.98
C LYS H 8 12.35 10.96 -17.23
N ILE H 9 11.95 10.07 -16.33
CA ILE H 9 10.62 9.47 -16.44
C ILE H 9 9.55 10.55 -16.40
N ARG H 10 9.67 11.52 -15.50
CA ARG H 10 8.73 12.64 -15.46
C ARG H 10 8.67 13.39 -16.79
N LYS H 11 9.81 13.53 -17.46
CA LYS H 11 9.82 14.17 -18.78
C LYS H 11 8.97 13.38 -19.78
N LEU H 12 9.08 12.05 -19.74
CA LEU H 12 8.31 11.21 -20.63
C LEU H 12 6.82 11.30 -20.36
N GLN H 13 6.47 11.40 -19.08
CA GLN H 13 5.07 11.58 -18.67
C GLN H 13 4.51 12.97 -19.04
N LYS H 14 5.32 14.01 -18.91
CA LYS H 14 4.92 15.35 -19.38
C LYS H 14 4.65 15.35 -20.89
N ARG H 15 5.40 14.52 -21.63
CA ARG H 15 5.23 14.32 -23.08
C ARG H 15 4.06 13.41 -23.47
N GLY H 16 3.45 12.73 -22.50
CA GLY H 16 2.38 11.78 -22.78
C GLY H 16 2.83 10.47 -23.39
N LEU H 17 4.14 10.20 -23.37
CA LEU H 17 4.65 9.07 -24.14
C LEU H 17 4.39 7.70 -23.52
N ILE H 18 4.37 7.65 -22.19
CA ILE H 18 4.18 6.37 -21.53
C ILE H 18 2.73 5.91 -21.65
N GLN H 19 1.78 6.81 -21.39
CA GLN H 19 0.38 6.47 -21.54
C GLN H 19 -0.03 6.25 -23.01
N MET H 20 0.69 6.87 -23.95
CA MET H 20 0.41 6.63 -25.36
C MET H 20 0.84 5.24 -25.79
N THR H 21 1.98 4.77 -25.28
CA THR H 21 2.54 3.47 -25.64
C THR H 21 2.10 2.35 -24.67
#